data_6Z2F
#
_entry.id   6Z2F
#
_cell.length_a   45.614
_cell.length_b   64.569
_cell.length_c   82.070
_cell.angle_alpha   95.630
_cell.angle_beta   101.090
_cell.angle_gamma   104.930
#
_symmetry.space_group_name_H-M   'P 1'
#
loop_
_entity.id
_entity.type
_entity.pdbx_description
1 polymer 'UDP-N-acetylhexosamine pyrophosphorylase'
2 polymer 'UDP-N-acetylhexosamine pyrophosphorylase'
3 non-polymer URIDINE-DIPHOSPHATE-N-ACETYLGLUCOSAMINE
4 water water
#
loop_
_entity_poly.entity_id
_entity_poly.type
_entity_poly.pdbx_seq_one_letter_code
_entity_poly.pdbx_strand_id
1 'polypeptide(L)'
;GPELMNINDLKLTLSKAGQEHLLRFWNELEEAQQVELYAELQAMNFEELNFFFQKAIEGFNQSSYQKNVDARMEPVPREV
LGSATRDQDQLQAWESEGLFQISQNKVAVLLLAGGQGTRLGVAYPKGMYDVGLPSRKTLFQIQAERILKLQQVAEKYYGN
KCIIPWYIMTSGRTMESTKEFFTKHKYFGLKKENVIFFQQGMLPAMSFDGKIILEEKNKVSMAPDGNGGLYRTLAAQNIV
EDMEQRGIWSIHVYCVDNILVKVADPRFIGFCIQKGADCGAKVVEKTNPTEPVGVVCRVDGVYQVVEYSEISLATAQKRS
SDGRLLFNAGNIANHFFTVPFLRDVVNVYEPQLQHHVAQKKIPYVDTQGQLIKPDKPNGIKMEKFVFDIFQFAKKFVVYE
VLREDEFSPLKNADSQNGKDNPTTARHALMSLHHCWVLNAGGHFIDENGSRLPAIPRLKDANDVPIQCEISPLISYAGEG
LESYVADKEFHAPLIIDENGVHELVKNGI
;
A
2 'polypeptide(L)'
;GPELMNINDLKLTLSKAGQEHLLRFWNELEEAQQVELYAELQAMNFEELNFFFQKAIEGFNQSSYQKNVDARMEPVPREV
LGSATRDQDQLQAWESEGLFQISQNKVAVLLLAGGQGTRLGVAYPKGMYDVGLPSRKTLFQIQAERILKLQQVAEKYYGN
KCIIPWYIMTSGRTMESTKEFFTKHKYFGLKKENVIFFQQGMLPAMSFDGKIILEEKNKVSMAPDGNGGLYRTLAAQNIV
EDMEQRGIWSIHVY(YCM)VDNILVKVADPRFIGFCIQKGADCGAKVVEKTNPTEPVGVVCRVDGVYQVVEYSEISLATA
QKRSSDGRLLFNAGNIANHFFTVPFLRDVVNVYEPQLQHHVAQKKIPYVDTQGQLIKPDKPNGIKMEKFVFDIFQFAKKF
VVYEVLREDEFSPLKNADSQNGKDNPTTARHALMSLHHCWVLNAGGHFIDENGSRLPAIPRLKDANDVPIQCEISPLISY
AGEGLESYVADKEFHAPLIIDENGVHELVKNGI
;
B
#
loop_
_chem_comp.id
_chem_comp.type
_chem_comp.name
_chem_comp.formula
UD1 non-polymer URIDINE-DIPHOSPHATE-N-ACETYLGLUCOSAMINE 'C17 H27 N3 O17 P2'
#
# COMPACT_ATOMS: atom_id res chain seq x y z
N ASN A 6 -19.81 -11.74 48.49
CA ASN A 6 -18.68 -11.63 47.54
C ASN A 6 -17.49 -12.57 47.86
N ILE A 7 -16.97 -12.51 49.10
CA ILE A 7 -15.74 -13.25 49.44
C ILE A 7 -15.96 -14.75 49.52
N ASN A 8 -17.06 -15.19 50.12
CA ASN A 8 -17.27 -16.62 50.24
C ASN A 8 -17.43 -17.25 48.84
N ASP A 9 -17.98 -16.51 47.86
CA ASP A 9 -18.00 -16.97 46.45
C ASP A 9 -16.62 -17.05 45.79
N LEU A 10 -15.79 -16.03 46.00
CA LEU A 10 -14.42 -16.05 45.43
C LEU A 10 -13.63 -17.25 45.97
N LYS A 11 -13.72 -17.44 47.27
CA LYS A 11 -13.07 -18.54 47.96
C LYS A 11 -13.41 -19.89 47.31
N LEU A 12 -14.66 -20.14 46.96
CA LEU A 12 -15.06 -21.41 46.35
C LEU A 12 -14.45 -21.57 44.95
N THR A 13 -14.44 -20.47 44.19
CA THR A 13 -13.76 -20.39 42.90
C THR A 13 -12.28 -20.75 43.04
N LEU A 14 -11.65 -20.12 44.04
CA LEU A 14 -10.24 -20.39 44.35
C LEU A 14 -10.02 -21.84 44.79
N SER A 15 -10.90 -22.34 45.64
CA SER A 15 -10.79 -23.70 46.12
C SER A 15 -10.90 -24.72 44.99
N LYS A 16 -11.86 -24.51 44.09
CA LYS A 16 -12.02 -25.37 42.91
C LYS A 16 -10.77 -25.39 42.04
N ALA A 17 -10.05 -24.27 41.96
CA ALA A 17 -8.80 -24.18 41.21
C ALA A 17 -7.52 -24.50 42.01
N GLY A 18 -7.63 -24.86 43.28
CA GLY A 18 -6.46 -25.14 44.12
C GLY A 18 -5.61 -23.93 44.39
N GLN A 19 -6.24 -22.74 44.40
CA GLN A 19 -5.55 -21.47 44.64
C GLN A 19 -6.05 -20.71 45.86
N GLU A 20 -6.71 -21.38 46.81
CA GLU A 20 -7.29 -20.65 47.96
C GLU A 20 -6.26 -20.08 48.95
N HIS A 21 -5.02 -20.54 48.87
CA HIS A 21 -3.94 -19.86 49.60
C HIS A 21 -3.75 -18.37 49.24
N LEU A 22 -4.29 -17.89 48.11
CA LEU A 22 -4.22 -16.47 47.77
C LEU A 22 -4.98 -15.58 48.77
N LEU A 23 -5.90 -16.18 49.53
CA LEU A 23 -6.60 -15.49 50.62
C LEU A 23 -6.00 -15.70 52.02
N ARG A 24 -4.78 -16.24 52.07
CA ARG A 24 -4.11 -16.57 53.33
C ARG A 24 -4.13 -15.42 54.34
N PHE A 25 -3.92 -14.19 53.87
CA PHE A 25 -3.78 -13.03 54.76
C PHE A 25 -5.03 -12.16 54.81
N TRP A 26 -6.13 -12.63 54.25
CA TRP A 26 -7.36 -11.85 54.16
C TRP A 26 -7.84 -11.35 55.53
N ASN A 27 -7.68 -12.18 56.56
CA ASN A 27 -8.08 -11.83 57.92
C ASN A 27 -7.18 -10.81 58.63
N GLU A 28 -6.07 -10.40 58.00
CA GLU A 28 -5.13 -9.41 58.54
C GLU A 28 -5.08 -8.14 57.72
N LEU A 29 -5.81 -8.07 56.60
CA LEU A 29 -5.69 -6.91 55.70
C LEU A 29 -6.66 -5.83 56.12
N GLU A 30 -6.25 -4.59 55.90
CA GLU A 30 -7.15 -3.44 56.00
C GLU A 30 -8.21 -3.54 54.89
N GLU A 31 -9.33 -2.86 55.10
CA GLU A 31 -10.47 -2.93 54.17
C GLU A 31 -10.12 -2.56 52.73
N ALA A 32 -9.37 -1.47 52.54
CA ALA A 32 -8.95 -1.03 51.21
C ALA A 32 -8.06 -2.05 50.53
N GLN A 33 -7.12 -2.60 51.30
CA GLN A 33 -6.25 -3.71 50.86
C GLN A 33 -7.06 -4.92 50.35
N GLN A 34 -8.08 -5.30 51.12
CA GLN A 34 -8.98 -6.37 50.73
C GLN A 34 -9.63 -6.08 49.37
N VAL A 35 -10.13 -4.87 49.21
CA VAL A 35 -10.79 -4.49 47.96
C VAL A 35 -9.85 -4.70 46.77
N GLU A 36 -8.60 -4.33 46.93
CA GLU A 36 -7.63 -4.40 45.83
C GLU A 36 -7.28 -5.81 45.43
N LEU A 37 -7.05 -6.66 46.43
CA LEU A 37 -6.77 -8.06 46.19
C LEU A 37 -7.99 -8.72 45.59
N TYR A 38 -9.19 -8.42 46.14
CA TYR A 38 -10.43 -8.95 45.61
C TYR A 38 -10.58 -8.64 44.11
N ALA A 39 -10.34 -7.38 43.75
CA ALA A 39 -10.44 -6.97 42.33
C ALA A 39 -9.38 -7.61 41.43
N GLU A 40 -8.18 -7.83 41.96
CA GLU A 40 -7.17 -8.54 41.19
C GLU A 40 -7.61 -9.99 40.92
N LEU A 41 -8.08 -10.67 41.96
CA LEU A 41 -8.43 -12.07 41.85
C LEU A 41 -9.67 -12.31 41.00
N GLN A 42 -10.68 -11.45 41.10
CA GLN A 42 -11.91 -11.66 40.31
C GLN A 42 -11.67 -11.55 38.80
N ALA A 43 -10.67 -10.77 38.40
CA ALA A 43 -10.32 -10.59 37.00
C ALA A 43 -9.56 -11.76 36.39
N MET A 44 -9.05 -12.66 37.24
CA MET A 44 -8.24 -13.79 36.79
C MET A 44 -9.14 -14.96 36.44
N ASN A 45 -8.73 -15.73 35.44
CA ASN A 45 -9.41 -16.95 35.07
C ASN A 45 -8.57 -18.13 35.56
N PHE A 46 -8.83 -18.57 36.79
CA PHE A 46 -7.97 -19.57 37.44
C PHE A 46 -7.95 -20.92 36.73
N GLU A 47 -9.07 -21.32 36.14
CA GLU A 47 -9.13 -22.56 35.35
C GLU A 47 -8.14 -22.48 34.20
N GLU A 48 -8.25 -21.41 33.42
CA GLU A 48 -7.33 -21.17 32.32
C GLU A 48 -5.86 -21.12 32.77
N LEU A 49 -5.56 -20.42 33.84
CA LEU A 49 -4.19 -20.30 34.32
C LEU A 49 -3.60 -21.68 34.65
N ASN A 50 -4.38 -22.52 35.34
CA ASN A 50 -3.97 -23.87 35.70
C ASN A 50 -3.73 -24.66 34.43
N PHE A 51 -4.63 -24.48 33.47
CA PHE A 51 -4.48 -25.12 32.16
C PHE A 51 -3.21 -24.66 31.46
N PHE A 52 -2.91 -23.36 31.50
CA PHE A 52 -1.65 -22.88 30.92
C PHE A 52 -0.45 -23.50 31.60
N PHE A 53 -0.46 -23.49 32.93
CA PHE A 53 0.65 -24.01 33.72
C PHE A 53 0.89 -25.50 33.46
N GLN A 54 -0.17 -26.30 33.42
CA GLN A 54 0.00 -27.75 33.24
C GLN A 54 0.68 -28.09 31.91
N LYS A 55 0.33 -27.36 30.85
CA LYS A 55 1.01 -27.53 29.56
C LYS A 55 2.43 -26.96 29.55
N ALA A 56 2.63 -25.80 30.16
CA ALA A 56 3.93 -25.10 30.10
C ALA A 56 5.01 -25.82 30.90
N ILE A 57 4.62 -26.37 32.05
CA ILE A 57 5.57 -27.03 32.94
C ILE A 57 6.08 -28.37 32.38
N GLU A 58 5.34 -28.91 31.40
CA GLU A 58 5.55 -30.25 30.88
C GLU A 58 6.65 -30.29 29.81
N MET A 73 16.98 -29.88 14.52
CA MET A 73 17.21 -28.61 13.85
C MET A 73 18.04 -28.77 12.60
N GLU A 74 17.76 -27.92 11.62
CA GLU A 74 18.50 -27.88 10.36
C GLU A 74 18.91 -26.44 10.06
N PRO A 75 20.12 -26.25 9.49
CA PRO A 75 20.57 -24.89 9.22
C PRO A 75 19.72 -24.18 8.16
N VAL A 76 19.73 -22.85 8.18
CA VAL A 76 19.16 -22.10 7.07
C VAL A 76 20.11 -22.31 5.91
N PRO A 77 19.60 -22.84 4.79
CA PRO A 77 20.51 -22.86 3.67
C PRO A 77 20.81 -21.41 3.36
N ARG A 78 22.08 -21.03 3.49
CA ARG A 78 22.54 -19.69 3.16
C ARG A 78 22.27 -19.34 1.69
N ASP A 89 25.03 -4.26 -3.56
CA ASP A 89 24.62 -4.46 -4.94
C ASP A 89 23.14 -4.06 -5.16
N GLN A 90 22.22 -4.93 -4.76
CA GLN A 90 20.78 -4.67 -4.83
C GLN A 90 20.36 -3.79 -3.63
N LEU A 91 21.31 -3.49 -2.74
CA LEU A 91 21.04 -2.69 -1.54
C LEU A 91 20.36 -1.36 -1.87
N GLN A 92 20.79 -0.69 -2.94
CA GLN A 92 20.20 0.59 -3.30
C GLN A 92 18.77 0.41 -3.84
N ALA A 93 18.56 -0.60 -4.69
CA ALA A 93 17.23 -0.91 -5.19
C ALA A 93 16.26 -1.29 -4.05
N TRP A 94 16.74 -2.07 -3.07
CA TRP A 94 15.90 -2.40 -1.90
C TRP A 94 15.58 -1.13 -1.11
N GLU A 95 16.58 -0.29 -0.86
CA GLU A 95 16.37 0.95 -0.10
C GLU A 95 15.30 1.82 -0.74
N SER A 96 15.40 1.97 -2.06
CA SER A 96 14.45 2.81 -2.78
C SER A 96 13.03 2.30 -2.67
N GLU A 97 12.85 0.98 -2.74
CA GLU A 97 11.53 0.40 -2.54
C GLU A 97 11.03 0.63 -1.10
N GLY A 98 11.89 0.45 -0.12
CA GLY A 98 11.50 0.75 1.27
C GLY A 98 11.11 2.20 1.47
N LEU A 99 11.88 3.12 0.88
CA LEU A 99 11.54 4.54 0.95
C LEU A 99 10.19 4.81 0.26
N PHE A 100 9.89 4.08 -0.81
CA PHE A 100 8.64 4.27 -1.53
C PHE A 100 7.45 3.82 -0.65
N GLN A 101 7.61 2.69 0.03
CA GLN A 101 6.57 2.25 0.98
C GLN A 101 6.36 3.28 2.07
N ILE A 102 7.45 3.77 2.64
CA ILE A 102 7.34 4.82 3.65
C ILE A 102 6.60 6.06 3.09
N SER A 103 6.95 6.47 1.88
CA SER A 103 6.38 7.68 1.27
C SER A 103 4.87 7.61 1.04
N GLN A 104 4.35 6.38 0.96
CA GLN A 104 2.93 6.13 0.75
C GLN A 104 2.20 5.92 2.08
N ASN A 105 2.86 6.19 3.22
CA ASN A 105 2.29 5.93 4.56
C ASN A 105 1.93 4.45 4.78
N LYS A 106 2.67 3.53 4.15
CA LYS A 106 2.37 2.12 4.21
C LYS A 106 3.27 1.37 5.22
N VAL A 107 4.14 2.08 5.95
CA VAL A 107 5.05 1.45 6.91
C VAL A 107 4.79 1.97 8.32
N ALA A 108 4.67 1.07 9.29
CA ALA A 108 4.72 1.45 10.70
C ALA A 108 5.79 0.60 11.39
N VAL A 109 6.21 1.04 12.55
CA VAL A 109 7.10 0.25 13.37
C VAL A 109 6.40 -0.09 14.67
N LEU A 110 6.79 -1.23 15.23
CA LEU A 110 6.26 -1.70 16.49
C LEU A 110 7.44 -2.03 17.43
N LEU A 111 7.54 -1.27 18.51
CA LEU A 111 8.65 -1.39 19.48
C LEU A 111 8.27 -2.33 20.60
N LEU A 112 9.12 -3.32 20.87
CA LEU A 112 8.94 -4.20 21.99
C LEU A 112 9.61 -3.50 23.17
N ALA A 113 8.81 -2.89 24.03
CA ALA A 113 9.27 -2.12 25.20
C ALA A 113 8.51 -2.53 26.48
N ARG A 119 17.94 -6.36 34.17
CA ARG A 119 19.36 -6.76 34.36
C ARG A 119 20.31 -5.58 34.48
N LEU A 120 19.92 -4.44 33.90
CA LEU A 120 20.75 -3.24 33.95
C LEU A 120 20.90 -2.65 35.34
N GLY A 121 20.11 -3.12 36.30
CA GLY A 121 20.18 -2.63 37.67
C GLY A 121 19.34 -1.39 37.90
N VAL A 122 18.33 -1.18 37.05
CA VAL A 122 17.42 -0.04 37.22
C VAL A 122 15.98 -0.52 37.09
N ALA A 123 15.07 0.27 37.62
CA ALA A 123 13.66 -0.08 37.67
C ALA A 123 12.84 0.56 36.56
N TYR A 124 13.47 1.41 35.75
CA TYR A 124 12.77 2.10 34.69
C TYR A 124 12.96 1.38 33.35
N PRO A 125 12.05 1.59 32.39
CA PRO A 125 12.18 0.91 31.10
C PRO A 125 13.49 1.23 30.36
N LYS A 126 14.04 0.24 29.62
CA LYS A 126 15.30 0.45 28.88
C LYS A 126 15.32 1.60 27.90
N GLY A 127 14.17 1.96 27.33
CA GLY A 127 14.11 3.06 26.37
C GLY A 127 14.60 4.37 26.96
N MET A 128 14.51 4.49 28.29
CA MET A 128 14.92 5.70 28.97
C MET A 128 16.39 5.68 29.35
N TYR A 129 17.10 4.60 29.02
CA TYR A 129 18.49 4.45 29.43
C TYR A 129 19.40 5.39 28.62
N ASP A 130 20.31 6.03 29.35
CA ASP A 130 21.33 6.94 28.81
C ASP A 130 22.68 6.22 28.86
N VAL A 131 23.21 5.83 27.71
CA VAL A 131 24.46 5.06 27.70
C VAL A 131 25.71 5.92 27.86
N GLY A 132 25.55 7.24 28.04
CA GLY A 132 26.68 8.15 28.17
C GLY A 132 27.23 8.61 26.82
N LEU A 133 26.36 8.72 25.81
CA LEU A 133 26.78 9.33 24.55
C LEU A 133 27.14 10.80 24.75
N PRO A 134 27.96 11.37 23.87
CA PRO A 134 28.21 12.83 23.98
C PRO A 134 26.89 13.65 24.08
N SER A 135 25.88 13.28 23.30
CA SER A 135 24.58 13.95 23.34
C SER A 135 23.72 13.64 24.58
N ARG A 136 24.08 12.58 25.31
CA ARG A 136 23.30 12.06 26.43
C ARG A 136 21.88 11.65 26.01
N LYS A 137 21.64 11.39 24.72
CA LYS A 137 20.27 11.00 24.29
C LYS A 137 19.93 9.60 24.78
N THR A 138 18.69 9.39 25.18
CA THR A 138 18.21 8.09 25.56
C THR A 138 17.96 7.24 24.32
N LEU A 139 17.80 5.93 24.52
CA LEU A 139 17.50 5.04 23.39
C LEU A 139 16.19 5.44 22.69
N PHE A 140 15.20 5.82 23.49
CA PHE A 140 13.91 6.29 22.93
C PHE A 140 14.09 7.48 21.97
N GLN A 141 14.90 8.45 22.39
CA GLN A 141 15.13 9.67 21.58
C GLN A 141 15.84 9.35 20.29
N ILE A 142 16.84 8.48 20.36
CA ILE A 142 17.60 8.11 19.16
C ILE A 142 16.64 7.41 18.17
N GLN A 143 15.81 6.50 18.67
CA GLN A 143 14.81 5.82 17.85
C GLN A 143 13.82 6.80 17.22
N ALA A 144 13.34 7.74 18.04
CA ALA A 144 12.38 8.75 17.58
C ALA A 144 12.98 9.59 16.42
N GLU A 145 14.23 9.99 16.60
CA GLU A 145 14.89 10.82 15.59
C GLU A 145 15.20 10.04 14.33
N ARG A 146 15.43 8.73 14.44
CA ARG A 146 15.53 7.86 13.26
C ARG A 146 14.23 7.81 12.44
N ILE A 147 13.11 7.78 13.17
CA ILE A 147 11.80 7.80 12.53
C ILE A 147 11.59 9.14 11.84
N LEU A 148 11.80 10.23 12.57
CA LEU A 148 11.67 11.60 11.99
C LEU A 148 12.55 11.75 10.75
N LYS A 149 13.80 11.31 10.87
CA LYS A 149 14.73 11.33 9.72
C LYS A 149 14.22 10.62 8.47
N LEU A 150 13.72 9.39 8.61
CA LEU A 150 13.24 8.64 7.46
C LEU A 150 12.01 9.27 6.82
N GLN A 151 11.15 9.86 7.63
CA GLN A 151 10.02 10.63 7.08
C GLN A 151 10.55 11.73 6.16
N GLN A 152 11.60 12.42 6.61
CA GLN A 152 12.24 13.48 5.83
C GLN A 152 12.93 12.95 4.60
N VAL A 153 13.68 11.84 4.75
CA VAL A 153 14.38 11.23 3.62
C VAL A 153 13.41 10.75 2.55
N ALA A 154 12.33 10.09 2.94
CA ALA A 154 11.32 9.63 1.98
C ALA A 154 10.62 10.81 1.27
N GLU A 155 10.43 11.91 1.99
CA GLU A 155 9.88 13.14 1.40
C GLU A 155 10.85 13.72 0.36
N LYS A 156 12.12 13.75 0.69
CA LYS A 156 13.14 14.24 -0.23
C LYS A 156 13.18 13.41 -1.50
N TYR A 157 12.96 12.09 -1.35
CA TYR A 157 13.07 11.14 -2.46
C TYR A 157 11.87 11.27 -3.36
N TYR A 158 10.68 11.08 -2.79
CA TYR A 158 9.43 10.96 -3.56
C TYR A 158 8.58 12.23 -3.65
N GLY A 159 8.90 13.22 -2.83
CA GLY A 159 8.28 14.54 -2.91
C GLY A 159 7.04 14.81 -2.07
N ASN A 160 6.57 13.86 -1.27
CA ASN A 160 5.43 14.13 -0.37
C ASN A 160 5.73 13.87 1.08
N LYS A 161 5.12 14.66 1.94
CA LYS A 161 5.19 14.43 3.38
C LYS A 161 4.62 13.06 3.69
N CYS A 162 5.21 12.37 4.66
CA CYS A 162 4.72 11.03 5.04
C CYS A 162 4.93 10.75 6.51
N ILE A 163 4.29 9.67 6.95
CA ILE A 163 4.24 9.30 8.36
C ILE A 163 4.54 7.81 8.57
N ILE A 164 5.35 7.53 9.58
CA ILE A 164 5.64 6.18 10.05
C ILE A 164 5.07 6.09 11.47
N PRO A 165 3.86 5.50 11.60
CA PRO A 165 3.31 5.32 12.93
C PRO A 165 4.21 4.45 13.78
N TRP A 166 4.31 4.85 15.04
CA TRP A 166 5.12 4.14 16.03
C TRP A 166 4.22 3.47 17.08
N TYR A 167 4.02 2.16 16.93
CA TYR A 167 3.35 1.35 17.93
C TYR A 167 4.35 0.99 19.00
N ILE A 168 4.02 1.25 20.26
CA ILE A 168 4.93 0.93 21.37
C ILE A 168 4.21 0.01 22.34
N MET A 169 4.69 -1.23 22.44
CA MET A 169 4.14 -2.22 23.34
C MET A 169 4.84 -2.10 24.67
N THR A 170 4.09 -1.68 25.68
CA THR A 170 4.57 -1.62 27.06
C THR A 170 3.96 -2.76 27.88
N SER A 171 4.32 -2.79 29.15
CA SER A 171 3.67 -3.69 30.09
C SER A 171 3.09 -2.90 31.26
N GLY A 172 2.51 -3.63 32.22
CA GLY A 172 1.98 -2.99 33.41
C GLY A 172 3.12 -2.51 34.30
N THR A 174 5.78 -0.49 32.99
CA THR A 174 6.40 0.55 32.19
C THR A 174 5.45 1.51 31.47
N MET A 175 4.14 1.25 31.48
CA MET A 175 3.22 1.97 30.60
C MET A 175 3.03 3.45 30.92
N GLU A 176 2.72 3.75 32.18
CA GLU A 176 2.50 5.14 32.59
C GLU A 176 3.81 5.93 32.62
N SER A 177 4.87 5.32 33.10
CA SER A 177 6.15 6.01 33.09
C SER A 177 6.58 6.31 31.66
N THR A 178 6.38 5.35 30.74
CA THR A 178 6.77 5.55 29.34
C THR A 178 5.99 6.69 28.73
N LYS A 179 4.66 6.67 28.90
CA LYS A 179 3.83 7.77 28.43
C LYS A 179 4.26 9.11 29.01
N GLU A 180 4.55 9.13 30.32
CA GLU A 180 4.98 10.35 31.03
C GLU A 180 6.23 10.93 30.35
N PHE A 181 7.21 10.06 30.15
CA PHE A 181 8.48 10.42 29.55
C PHE A 181 8.32 11.03 28.15
N PHE A 182 7.58 10.35 27.29
CA PHE A 182 7.31 10.88 25.96
C PHE A 182 6.59 12.24 26.03
N THR A 183 5.60 12.39 26.90
CA THR A 183 4.86 13.66 26.92
C THR A 183 5.74 14.84 27.34
N LYS A 184 6.62 14.61 28.32
CA LYS A 184 7.57 15.64 28.77
C LYS A 184 8.55 16.07 27.69
N HIS A 185 9.00 15.14 26.85
CA HIS A 185 9.87 15.46 25.70
C HIS A 185 9.09 15.78 24.41
N LYS A 186 7.82 16.15 24.55
CA LYS A 186 6.94 16.44 23.40
C LYS A 186 7.12 15.46 22.24
N TYR A 187 7.18 14.18 22.59
CA TYR A 187 7.28 13.08 21.61
C TYR A 187 8.49 13.19 20.71
N PHE A 188 9.53 13.87 21.20
CA PHE A 188 10.79 14.08 20.48
C PHE A 188 10.60 14.70 19.11
N GLY A 189 9.54 15.47 18.95
CA GLY A 189 9.22 16.10 17.68
C GLY A 189 8.22 15.39 16.79
N LEU A 190 7.86 14.15 17.11
CA LEU A 190 6.80 13.44 16.39
C LEU A 190 5.46 13.93 16.91
N LYS A 191 4.39 13.57 16.20
CA LYS A 191 3.04 13.91 16.62
C LYS A 191 2.44 12.83 17.54
N LYS A 192 1.85 13.27 18.63
CA LYS A 192 1.15 12.42 19.62
C LYS A 192 0.25 11.35 18.97
N GLU A 193 -0.52 11.81 17.99
CA GLU A 193 -1.47 10.95 17.30
C GLU A 193 -0.83 9.81 16.48
N ASN A 194 0.48 9.86 16.25
CA ASN A 194 1.19 8.82 15.50
C ASN A 194 2.12 7.99 16.39
N VAL A 195 1.96 8.12 17.70
CA VAL A 195 2.64 7.25 18.66
C VAL A 195 1.51 6.55 19.42
N ILE A 196 1.43 5.24 19.23
CA ILE A 196 0.38 4.43 19.77
C ILE A 196 0.93 3.51 20.87
N PHE A 197 0.72 3.89 22.13
CA PHE A 197 1.12 3.08 23.27
C PHE A 197 0.03 2.04 23.52
N PHE A 198 0.43 0.80 23.74
CA PHE A 198 -0.53 -0.22 24.16
C PHE A 198 0.15 -1.23 25.08
N GLN A 199 -0.61 -1.72 26.07
CA GLN A 199 -0.05 -2.52 27.17
C GLN A 199 -0.31 -4.00 26.90
N GLN A 200 0.74 -4.83 26.91
CA GLN A 200 0.55 -6.29 26.83
C GLN A 200 -0.03 -6.88 28.11
N GLY A 201 -0.48 -8.12 28.03
CA GLY A 201 -1.01 -8.84 29.18
C GLY A 201 0.03 -9.28 30.19
N MET A 202 -0.44 -9.59 31.39
CA MET A 202 0.43 -10.10 32.45
C MET A 202 -0.05 -11.50 32.84
N LEU A 203 0.87 -12.27 33.39
CA LEU A 203 0.53 -13.56 33.99
C LEU A 203 1.10 -13.63 35.39
N PRO A 204 0.43 -14.38 36.27
CA PRO A 204 0.99 -14.57 37.61
C PRO A 204 2.17 -15.50 37.61
N ALA A 205 3.15 -15.21 38.47
CA ALA A 205 4.22 -16.14 38.77
C ALA A 205 3.63 -17.32 39.55
N MET A 206 4.17 -18.51 39.33
CA MET A 206 3.64 -19.74 39.91
C MET A 206 4.75 -20.59 40.48
N SER A 207 4.45 -21.27 41.58
CA SER A 207 5.41 -22.14 42.23
C SER A 207 5.63 -23.33 41.29
N PHE A 208 6.63 -24.15 41.61
CA PHE A 208 6.87 -25.38 40.84
C PHE A 208 5.69 -26.35 40.94
N ASP A 209 4.89 -26.23 42.00
CA ASP A 209 3.65 -26.99 42.18
C ASP A 209 2.41 -26.34 41.57
N GLY A 210 2.58 -25.29 40.78
CA GLY A 210 1.47 -24.62 40.12
C GLY A 210 0.59 -23.76 41.00
N LYS A 211 1.14 -23.30 42.11
CA LYS A 211 0.42 -22.42 43.05
C LYS A 211 0.79 -20.98 42.75
N ILE A 212 -0.19 -20.10 42.55
CA ILE A 212 0.09 -18.70 42.27
C ILE A 212 0.80 -18.05 43.47
N ILE A 213 1.80 -17.23 43.18
CA ILE A 213 2.64 -16.60 44.22
C ILE A 213 2.18 -15.18 44.58
N LEU A 214 2.02 -14.94 45.88
CA LEU A 214 1.75 -13.60 46.42
C LEU A 214 3.08 -12.83 46.59
N GLU A 215 3.16 -11.66 45.96
CA GLU A 215 4.29 -10.75 46.16
C GLU A 215 4.19 -10.08 47.52
N GLU A 216 2.97 -9.64 47.85
CA GLU A 216 2.64 -9.01 49.13
C GLU A 216 1.40 -9.69 49.67
N LYS A 217 1.07 -9.42 50.93
CA LYS A 217 -0.13 -10.02 51.52
C LYS A 217 -1.41 -9.75 50.71
N ASN A 218 -1.45 -8.67 49.93
CA ASN A 218 -2.63 -8.33 49.15
C ASN A 218 -2.34 -8.11 47.66
N LYS A 219 -1.25 -8.69 47.17
CA LYS A 219 -0.83 -8.50 45.78
C LYS A 219 -0.24 -9.79 45.16
N VAL A 220 -0.84 -10.22 44.05
CA VAL A 220 -0.33 -11.37 43.29
C VAL A 220 0.91 -10.92 42.53
N SER A 221 1.93 -11.78 42.51
CA SER A 221 3.15 -11.52 41.77
C SER A 221 2.83 -11.67 40.30
N MET A 222 2.92 -10.58 39.53
CA MET A 222 2.58 -10.58 38.11
C MET A 222 3.81 -10.21 37.29
N ALA A 223 3.93 -10.81 36.10
CA ALA A 223 4.95 -10.45 35.14
C ALA A 223 4.39 -10.41 33.71
N PRO A 224 4.99 -9.55 32.84
CA PRO A 224 4.57 -9.59 31.44
C PRO A 224 4.73 -11.00 30.86
N ASP A 225 3.89 -11.32 29.88
CA ASP A 225 3.81 -12.66 29.36
C ASP A 225 4.77 -12.97 28.19
N GLY A 226 5.91 -12.25 28.12
CA GLY A 226 6.89 -12.43 27.07
C GLY A 226 6.58 -11.52 25.90
N ASN A 227 7.60 -11.22 25.10
CA ASN A 227 7.36 -10.43 23.87
C ASN A 227 6.43 -11.11 22.85
N GLY A 228 6.26 -12.43 22.93
CA GLY A 228 5.26 -13.16 22.12
C GLY A 228 3.84 -12.94 22.57
N GLY A 229 3.69 -12.33 23.74
CA GLY A 229 2.43 -11.75 24.18
C GLY A 229 1.88 -10.67 23.29
N LEU A 230 2.72 -10.19 22.35
CA LEU A 230 2.29 -9.25 21.32
C LEU A 230 0.99 -9.71 20.64
N TYR A 231 0.92 -10.97 20.26
CA TYR A 231 -0.10 -11.40 19.31
C TYR A 231 -1.47 -11.42 19.92
N ARG A 232 -1.52 -11.89 21.15
CA ARG A 232 -2.75 -11.86 21.91
C ARG A 232 -3.22 -10.44 22.16
N THR A 233 -2.28 -9.55 22.39
CA THR A 233 -2.61 -8.17 22.69
C THR A 233 -3.13 -7.48 21.45
N LEU A 234 -2.50 -7.76 20.32
CA LEU A 234 -2.95 -7.28 19.01
C LEU A 234 -4.42 -7.62 18.77
N ALA A 235 -4.78 -8.88 19.04
CA ALA A 235 -6.15 -9.40 18.80
C ALA A 235 -7.13 -8.75 19.76
N ALA A 236 -6.77 -8.78 21.05
CA ALA A 236 -7.58 -8.26 22.15
C ALA A 236 -7.90 -6.76 22.00
N GLN A 237 -6.93 -5.97 21.55
CA GLN A 237 -7.12 -4.52 21.44
C GLN A 237 -7.34 -4.00 20.02
N ASN A 238 -7.57 -4.92 19.07
CA ASN A 238 -7.92 -4.60 17.69
C ASN A 238 -6.87 -3.71 17.00
N ILE A 239 -5.62 -3.99 17.31
CA ILE A 239 -4.52 -3.17 16.83
C ILE A 239 -4.32 -3.38 15.32
N VAL A 240 -4.55 -4.60 14.83
CA VAL A 240 -4.40 -4.86 13.41
C VAL A 240 -5.49 -4.09 12.63
N GLU A 241 -6.70 -3.97 13.18
CA GLU A 241 -7.72 -3.10 12.60
C GLU A 241 -7.24 -1.66 12.45
N ASP A 242 -6.55 -1.18 13.48
CA ASP A 242 -5.96 0.15 13.49
C ASP A 242 -4.94 0.30 12.38
N MET A 243 -4.07 -0.71 12.21
CA MET A 243 -3.06 -0.69 11.15
C MET A 243 -3.74 -0.63 9.78
N GLU A 244 -4.74 -1.51 9.59
CA GLU A 244 -5.55 -1.48 8.38
C GLU A 244 -6.20 -0.11 8.16
N GLN A 245 -6.85 0.44 9.18
CA GLN A 245 -7.50 1.76 9.06
C GLN A 245 -6.53 2.85 8.59
N ARG A 246 -5.30 2.78 9.10
CA ARG A 246 -4.23 3.71 8.76
C ARG A 246 -3.63 3.51 7.38
N GLY A 247 -3.94 2.40 6.72
CA GLY A 247 -3.36 2.10 5.42
C GLY A 247 -1.98 1.49 5.50
N ILE A 248 -1.67 0.87 6.63
CA ILE A 248 -0.35 0.26 6.85
C ILE A 248 -0.35 -1.10 6.18
N TRP A 249 0.72 -1.38 5.46
CA TRP A 249 0.95 -2.68 4.83
C TRP A 249 2.08 -3.50 5.47
N SER A 250 3.13 -2.82 5.96
CA SER A 250 4.34 -3.47 6.49
C SER A 250 4.60 -2.99 7.89
N ILE A 251 4.92 -3.92 8.80
CA ILE A 251 5.33 -3.59 10.16
C ILE A 251 6.78 -4.05 10.39
N HIS A 252 7.60 -3.16 10.91
CA HIS A 252 8.92 -3.51 11.43
C HIS A 252 8.87 -3.59 12.97
N VAL A 253 9.04 -4.81 13.48
CA VAL A 253 8.99 -5.09 14.89
C VAL A 253 10.44 -5.14 15.39
N TYR A 254 10.76 -4.45 16.49
CA TYR A 254 12.14 -4.40 16.94
C TYR A 254 12.27 -4.26 18.45
N CYS A 255 13.42 -4.70 18.94
CA CYS A 255 13.76 -4.69 20.34
C CYS A 255 14.34 -3.35 20.73
N VAL A 256 13.90 -2.87 21.89
CA VAL A 256 14.26 -1.55 22.40
C VAL A 256 15.76 -1.38 22.71
N ASP A 257 16.44 -2.48 23.02
CA ASP A 257 17.75 -2.35 23.70
C ASP A 257 18.97 -2.13 22.83
N ASN A 258 18.79 -2.08 21.50
CA ASN A 258 19.89 -2.03 20.56
C ASN A 258 20.13 -0.61 20.06
N ILE A 259 21.21 0.03 20.52
CA ILE A 259 21.49 1.41 20.16
C ILE A 259 21.73 1.64 18.66
N LEU A 260 22.07 0.59 17.92
CA LEU A 260 22.30 0.72 16.48
C LEU A 260 21.06 0.44 15.62
N VAL A 261 19.90 0.17 16.23
CA VAL A 261 18.74 -0.35 15.48
C VAL A 261 18.31 0.61 14.38
N LYS A 262 18.29 0.09 13.15
CA LYS A 262 17.77 0.79 12.00
C LYS A 262 16.24 0.71 12.00
N VAL A 263 15.63 1.60 12.75
CA VAL A 263 14.16 1.70 12.88
C VAL A 263 13.56 1.98 11.51
N ALA A 264 12.57 1.17 11.11
CA ALA A 264 11.98 1.24 9.78
C ALA A 264 12.98 1.19 8.62
N ASP A 265 14.05 0.42 8.81
CA ASP A 265 15.09 0.27 7.81
C ASP A 265 14.54 0.05 6.41
N PRO A 266 14.75 1.05 5.52
CA PRO A 266 14.19 0.89 4.18
C PRO A 266 14.81 -0.25 3.38
N ARG A 267 16.04 -0.64 3.69
CA ARG A 267 16.69 -1.78 3.00
C ARG A 267 16.00 -3.09 3.31
N PHE A 268 15.76 -3.32 4.60
CA PHE A 268 15.05 -4.52 5.07
C PHE A 268 13.63 -4.58 4.54
N ILE A 269 12.92 -3.45 4.66
CA ILE A 269 11.54 -3.38 4.17
C ILE A 269 11.51 -3.65 2.66
N GLY A 270 12.41 -3.02 1.92
CA GLY A 270 12.44 -3.17 0.47
C GLY A 270 12.78 -4.55 -0.02
N PHE A 271 13.75 -5.17 0.68
CA PHE A 271 14.12 -6.56 0.45
C PHE A 271 12.90 -7.45 0.60
N CYS A 272 12.20 -7.31 1.73
CA CYS A 272 11.05 -8.12 2.05
C CYS A 272 9.89 -7.92 1.05
N ILE A 273 9.72 -6.66 0.63
CA ILE A 273 8.74 -6.32 -0.40
C ILE A 273 9.07 -7.03 -1.73
N GLN A 274 10.30 -6.89 -2.21
CA GLN A 274 10.70 -7.50 -3.50
C GLN A 274 10.73 -9.02 -3.48
N LYS A 275 11.04 -9.63 -2.34
CA LYS A 275 10.96 -11.08 -2.20
C LYS A 275 9.52 -11.59 -2.04
N GLY A 276 8.58 -10.67 -1.83
CA GLY A 276 7.17 -11.00 -1.63
C GLY A 276 6.94 -11.75 -0.32
N ALA A 277 7.77 -11.50 0.69
CA ALA A 277 7.63 -12.19 1.97
C ALA A 277 6.42 -11.75 2.75
N ASP A 278 5.90 -12.68 3.53
CA ASP A 278 4.92 -12.37 4.57
C ASP A 278 5.62 -12.06 5.89
N CYS A 279 6.81 -12.62 6.04
CA CYS A 279 7.51 -12.63 7.30
C CYS A 279 9.01 -12.58 7.05
N GLY A 280 9.74 -11.80 7.84
CA GLY A 280 11.17 -11.68 7.60
C GLY A 280 11.89 -11.49 8.91
N ALA A 281 13.15 -11.91 8.93
CA ALA A 281 13.96 -11.73 10.13
C ALA A 281 15.34 -11.28 9.75
N LYS A 282 15.81 -10.28 10.49
CA LYS A 282 17.15 -9.75 10.34
C LYS A 282 18.09 -10.60 11.20
N VAL A 283 19.26 -10.95 10.68
CA VAL A 283 20.25 -11.73 11.43
C VAL A 283 21.64 -11.14 11.29
N VAL A 284 22.49 -11.47 12.25
CA VAL A 284 23.92 -11.26 12.08
C VAL A 284 24.62 -12.60 12.15
N GLU A 285 25.84 -12.64 11.63
CA GLU A 285 26.60 -13.88 11.68
C GLU A 285 27.09 -14.11 13.09
N LYS A 286 26.60 -15.19 13.69
CA LYS A 286 27.11 -15.68 14.98
C LYS A 286 28.43 -16.39 14.73
N THR A 287 29.48 -15.97 15.44
CA THR A 287 30.80 -16.57 15.28
C THR A 287 31.34 -17.21 16.56
N ASN A 288 30.86 -16.77 17.71
CA ASN A 288 31.19 -17.38 19.00
C ASN A 288 30.05 -18.32 19.36
N PRO A 289 30.33 -19.64 19.47
CA PRO A 289 29.32 -20.62 19.87
C PRO A 289 28.39 -20.26 21.06
N THR A 290 28.90 -19.57 22.08
CA THR A 290 28.10 -19.28 23.25
C THR A 290 27.50 -17.85 23.29
N GLU A 291 27.46 -17.14 22.16
CA GLU A 291 26.80 -15.85 22.11
C GLU A 291 25.32 -16.08 22.44
N PRO A 292 24.72 -15.26 23.35
CA PRO A 292 23.31 -15.42 23.70
C PRO A 292 22.37 -14.74 22.68
N VAL A 293 22.38 -15.34 21.49
CA VAL A 293 21.38 -15.03 20.46
C VAL A 293 20.61 -16.29 20.06
N GLY A 294 19.31 -16.14 19.88
CA GLY A 294 18.56 -17.19 19.20
C GLY A 294 19.11 -17.47 17.81
N VAL A 295 18.92 -18.69 17.31
CA VAL A 295 19.41 -19.03 15.98
C VAL A 295 18.22 -19.37 15.10
N VAL A 296 18.23 -18.77 13.92
CA VAL A 296 17.25 -19.09 12.91
C VAL A 296 17.64 -20.43 12.30
N CYS A 297 16.63 -21.29 12.15
CA CYS A 297 16.85 -22.62 11.60
C CYS A 297 15.54 -23.15 11.01
N ARG A 298 15.63 -24.34 10.45
CA ARG A 298 14.45 -25.09 10.06
C ARG A 298 14.27 -26.29 10.96
N VAL A 299 13.05 -26.48 11.46
CA VAL A 299 12.67 -27.61 12.32
C VAL A 299 11.43 -28.28 11.74
N GLY A 301 10.66 -29.08 8.78
CA GLY A 301 10.66 -28.42 7.48
C GLY A 301 10.06 -27.02 7.48
N VAL A 302 9.96 -26.41 8.66
CA VAL A 302 9.47 -25.03 8.81
C VAL A 302 10.46 -24.16 9.59
N TYR A 303 10.37 -22.85 9.38
CA TYR A 303 11.22 -21.85 10.06
C TYR A 303 10.88 -21.62 11.53
N GLN A 304 11.95 -21.49 12.33
CA GLN A 304 11.85 -21.23 13.73
C GLN A 304 13.07 -20.43 14.11
N VAL A 305 13.00 -19.85 15.29
CA VAL A 305 14.19 -19.48 16.02
C VAL A 305 14.22 -20.44 17.18
N VAL A 306 15.38 -21.02 17.46
CA VAL A 306 15.59 -21.79 18.68
C VAL A 306 16.36 -20.85 19.59
N GLU A 307 15.82 -20.59 20.77
CA GLU A 307 16.43 -19.61 21.65
C GLU A 307 17.80 -20.11 22.10
N TYR A 308 18.69 -19.17 22.38
CA TYR A 308 20.07 -19.53 22.80
C TYR A 308 20.12 -20.46 24.03
N SER A 309 19.17 -20.29 24.93
CA SER A 309 19.06 -21.09 26.15
C SER A 309 18.42 -22.47 25.99
N GLU A 310 18.03 -22.81 24.77
CA GLU A 310 17.49 -24.12 24.41
C GLU A 310 18.43 -24.97 23.57
N ILE A 311 19.59 -24.45 23.21
CA ILE A 311 20.49 -25.15 22.33
C ILE A 311 21.52 -25.89 23.21
N SER A 312 21.81 -27.14 22.87
CA SER A 312 22.96 -27.86 23.42
C SER A 312 24.29 -27.23 23.03
N LEU A 313 25.31 -27.38 23.89
CA LEU A 313 26.65 -26.96 23.51
C LEU A 313 27.12 -27.63 22.20
N ALA A 314 26.78 -28.91 22.02
CA ALA A 314 27.14 -29.64 20.81
C ALA A 314 26.64 -28.94 19.56
N THR A 315 25.35 -28.60 19.57
CA THR A 315 24.72 -27.88 18.48
C THR A 315 25.37 -26.50 18.30
N ALA A 316 25.58 -25.80 19.42
CA ALA A 316 26.17 -24.45 19.39
C ALA A 316 27.59 -24.39 18.78
N GLN A 317 28.39 -25.43 19.00
CA GLN A 317 29.78 -25.47 18.56
C GLN A 317 30.01 -26.07 17.19
N LYS A 318 29.00 -26.73 16.63
CA LYS A 318 29.15 -27.49 15.39
C LYS A 318 29.57 -26.54 14.27
N ARG A 319 30.55 -26.93 13.47
CA ARG A 319 31.03 -26.09 12.38
C ARG A 319 30.91 -26.82 11.05
N SER A 320 30.57 -26.08 9.99
CA SER A 320 30.45 -26.66 8.65
C SER A 320 31.84 -26.71 8.04
N SER A 321 31.95 -27.27 6.83
CA SER A 321 33.26 -27.48 6.19
C SER A 321 34.08 -26.20 5.93
N ASP A 322 33.41 -25.05 5.76
CA ASP A 322 34.09 -23.77 5.59
C ASP A 322 34.59 -23.16 6.91
N GLY A 323 34.36 -23.87 8.03
CA GLY A 323 34.84 -23.43 9.33
C GLY A 323 33.90 -22.47 10.04
N ARG A 324 32.76 -22.16 9.44
CA ARG A 324 31.77 -21.31 10.09
C ARG A 324 30.89 -22.19 10.95
N LEU A 325 30.22 -21.59 11.91
CA LEU A 325 29.27 -22.32 12.73
C LEU A 325 28.09 -22.76 11.87
N LEU A 326 27.66 -24.00 12.07
CA LEU A 326 26.55 -24.58 11.33
C LEU A 326 25.31 -23.76 11.57
N PHE A 327 25.12 -23.37 12.83
CA PHE A 327 24.01 -22.52 13.17
C PHE A 327 24.53 -21.14 13.44
N ASN A 328 24.66 -20.36 12.36
CA ASN A 328 25.29 -19.05 12.43
C ASN A 328 24.35 -17.87 12.12
N ALA A 329 23.05 -18.10 11.99
CA ALA A 329 22.12 -17.01 11.72
C ALA A 329 21.54 -16.48 13.04
N GLY A 330 22.26 -15.53 13.63
CA GLY A 330 21.88 -14.98 14.94
C GLY A 330 20.72 -14.02 14.87
N ASN A 331 19.66 -14.34 15.60
CA ASN A 331 18.47 -13.50 15.68
C ASN A 331 18.78 -12.17 16.35
N ILE A 332 18.55 -11.07 15.65
CA ILE A 332 18.71 -9.73 16.29
C ILE A 332 17.41 -9.00 16.65
N ALA A 333 16.30 -9.75 16.73
CA ALA A 333 15.04 -9.26 17.27
C ALA A 333 14.53 -8.07 16.44
N ASN A 334 14.72 -8.19 15.14
CA ASN A 334 14.24 -7.23 14.15
C ASN A 334 13.49 -8.01 13.09
N HIS A 335 12.17 -7.85 13.08
CA HIS A 335 11.30 -8.65 12.22
C HIS A 335 10.42 -7.80 11.32
N PHE A 336 10.05 -8.39 10.18
CA PHE A 336 9.14 -7.79 9.21
C PHE A 336 7.89 -8.65 9.20
N PHE A 337 6.72 -8.00 9.26
CA PHE A 337 5.43 -8.68 9.10
C PHE A 337 4.58 -7.86 8.15
N THR A 338 3.90 -8.50 7.21
CA THR A 338 2.90 -7.75 6.42
C THR A 338 1.64 -7.69 7.27
N VAL A 339 0.83 -6.68 7.05
CA VAL A 339 -0.40 -6.55 7.83
C VAL A 339 -1.35 -7.71 7.50
N PRO A 340 -1.43 -8.16 6.21
CA PRO A 340 -2.21 -9.36 5.94
C PRO A 340 -1.76 -10.61 6.71
N PHE A 341 -0.45 -10.75 6.91
CA PHE A 341 0.03 -11.83 7.74
C PHE A 341 -0.44 -11.69 9.19
N LEU A 342 -0.29 -10.50 9.79
CA LEU A 342 -0.79 -10.25 11.14
C LEU A 342 -2.29 -10.43 11.26
N ARG A 343 -3.02 -10.10 10.19
CA ARG A 343 -4.46 -10.44 10.12
C ARG A 343 -4.67 -11.96 10.25
N ASP A 344 -3.90 -12.75 9.50
CA ASP A 344 -3.96 -14.22 9.62
C ASP A 344 -3.52 -14.73 11.00
N VAL A 345 -2.63 -13.99 11.65
CA VAL A 345 -2.14 -14.37 12.97
C VAL A 345 -3.25 -14.14 13.99
N VAL A 346 -3.86 -12.95 13.93
CA VAL A 346 -5.00 -12.63 14.76
C VAL A 346 -6.19 -13.57 14.51
N ASN A 347 -6.45 -13.89 13.25
CA ASN A 347 -7.63 -14.73 12.86
C ASN A 347 -7.45 -16.22 13.15
N VAL A 348 -6.25 -16.74 12.90
CA VAL A 348 -6.02 -18.20 12.84
C VAL A 348 -4.87 -18.70 13.72
N TYR A 349 -3.69 -18.11 13.58
CA TYR A 349 -2.47 -18.70 14.15
C TYR A 349 -2.24 -18.43 15.62
N GLU A 350 -2.66 -17.25 16.11
CA GLU A 350 -2.32 -16.80 17.47
C GLU A 350 -2.68 -17.78 18.57
N PRO A 351 -3.85 -18.43 18.44
CA PRO A 351 -4.23 -19.42 19.47
C PRO A 351 -3.26 -20.61 19.65
N GLN A 352 -2.48 -20.97 18.63
CA GLN A 352 -1.60 -22.14 18.75
C GLN A 352 -0.23 -21.84 19.37
N LEU A 353 0.05 -20.61 19.78
CA LEU A 353 1.34 -20.29 20.38
C LEU A 353 1.47 -20.91 21.77
N GLN A 354 2.66 -21.41 22.09
CA GLN A 354 2.94 -22.11 23.36
C GLN A 354 3.66 -21.21 24.36
N HIS A 355 3.41 -21.42 25.67
CA HIS A 355 4.23 -20.79 26.73
C HIS A 355 5.57 -21.49 26.99
N HIS A 356 6.64 -20.71 27.01
CA HIS A 356 7.95 -21.14 27.50
C HIS A 356 8.00 -20.94 29.02
N VAL A 357 8.77 -21.76 29.73
CA VAL A 357 8.98 -21.52 31.19
C VAL A 357 10.41 -21.22 31.52
N ALA A 358 10.57 -20.41 32.53
CA ALA A 358 11.88 -20.04 33.02
C ALA A 358 11.80 -20.04 34.51
N GLN A 359 12.79 -20.63 35.16
CA GLN A 359 12.86 -20.73 36.61
C GLN A 359 13.30 -19.34 37.06
N LYS A 360 12.60 -18.77 38.04
CA LYS A 360 12.95 -17.43 38.51
C LYS A 360 12.98 -17.36 40.03
N LYS A 361 13.73 -16.38 40.51
CA LYS A 361 13.83 -16.06 41.93
C LYS A 361 12.81 -14.93 42.13
N ILE A 362 11.63 -15.28 42.62
CA ILE A 362 10.48 -14.40 42.63
C ILE A 362 10.26 -13.87 44.04
N PRO A 363 10.40 -12.55 44.25
CA PRO A 363 10.14 -11.99 45.56
C PRO A 363 8.75 -12.35 46.08
N TYR A 364 8.66 -12.75 47.35
CA TYR A 364 7.39 -13.30 47.86
C TYR A 364 7.16 -13.02 49.34
N VAL A 365 5.92 -13.23 49.78
CA VAL A 365 5.59 -13.20 51.21
C VAL A 365 5.36 -14.63 51.72
N ASP A 366 6.09 -15.05 52.76
CA ASP A 366 5.96 -16.43 53.26
C ASP A 366 4.69 -16.64 54.11
N THR A 367 4.47 -17.88 54.55
CA THR A 367 3.28 -18.21 55.35
C THR A 367 3.24 -17.45 56.68
N GLN A 368 4.41 -17.00 57.17
CA GLN A 368 4.51 -16.17 58.36
C GLN A 368 4.33 -14.65 58.10
N GLY A 369 4.00 -14.25 56.87
CA GLY A 369 3.86 -12.82 56.54
C GLY A 369 5.15 -12.05 56.30
N GLN A 370 6.28 -12.76 56.19
CA GLN A 370 7.58 -12.11 55.97
C GLN A 370 7.92 -11.97 54.50
N LEU A 371 8.43 -10.80 54.11
CA LEU A 371 8.95 -10.58 52.75
C LEU A 371 10.36 -11.18 52.58
N ILE A 372 10.47 -12.12 51.65
CA ILE A 372 11.65 -12.94 51.47
C ILE A 372 12.22 -12.74 50.07
N LYS A 373 13.53 -12.60 49.97
CA LYS A 373 14.25 -12.60 48.70
C LYS A 373 14.92 -13.96 48.60
N PRO A 374 14.38 -14.86 47.77
CA PRO A 374 14.73 -16.29 47.87
C PRO A 374 16.18 -16.65 47.54
N ASP A 375 16.76 -17.52 48.36
CA ASP A 375 18.10 -18.09 48.13
C ASP A 375 18.16 -19.08 46.94
N LYS A 376 17.02 -19.65 46.55
CA LYS A 376 16.95 -20.65 45.48
C LYS A 376 15.77 -20.28 44.59
N PRO A 377 15.82 -20.56 43.26
CA PRO A 377 14.61 -20.26 42.50
C PRO A 377 13.40 -20.90 43.15
N ASN A 378 12.29 -20.16 43.18
CA ASN A 378 11.10 -20.58 43.87
C ASN A 378 9.87 -20.65 42.96
N GLY A 379 10.01 -20.30 41.69
CA GLY A 379 8.88 -20.43 40.78
C GLY A 379 9.23 -20.28 39.33
N ILE A 380 8.20 -20.19 38.51
CA ILE A 380 8.36 -20.00 37.09
C ILE A 380 7.51 -18.82 36.62
N LYS A 381 7.99 -18.21 35.53
CA LYS A 381 7.21 -17.29 34.76
C LYS A 381 6.96 -17.96 33.41
N MET A 382 5.75 -17.82 32.93
CA MET A 382 5.40 -18.33 31.62
C MET A 382 5.50 -17.15 30.67
N GLU A 383 6.02 -17.43 29.48
CA GLU A 383 6.24 -16.37 28.49
C GLU A 383 6.11 -16.92 27.07
N LYS A 384 5.56 -16.12 26.17
CA LYS A 384 5.61 -16.47 24.76
C LYS A 384 6.71 -15.65 24.11
N PHE A 385 7.27 -16.17 23.02
CA PHE A 385 8.33 -15.47 22.29
C PHE A 385 7.85 -14.94 20.95
N VAL A 386 8.25 -13.72 20.62
CA VAL A 386 7.75 -13.05 19.41
C VAL A 386 8.04 -13.84 18.14
N PHE A 387 9.17 -14.53 18.11
CA PHE A 387 9.60 -15.27 16.92
C PHE A 387 8.86 -16.60 16.71
N ASP A 388 8.07 -17.04 17.69
CA ASP A 388 7.36 -18.32 17.53
C ASP A 388 6.29 -18.28 16.45
N ILE A 389 5.97 -17.08 15.93
CA ILE A 389 5.06 -16.96 14.80
C ILE A 389 5.66 -17.35 13.43
N PHE A 390 6.98 -17.43 13.33
CA PHE A 390 7.62 -17.70 12.04
C PHE A 390 7.25 -19.04 11.45
N GLN A 391 6.92 -20.01 12.30
CA GLN A 391 6.48 -21.32 11.84
C GLN A 391 5.20 -21.28 10.96
N PHE A 392 4.41 -20.22 11.11
CA PHE A 392 3.20 -20.02 10.28
C PHE A 392 3.42 -19.22 8.97
N ALA A 393 4.62 -18.69 8.76
CA ALA A 393 4.92 -17.95 7.56
C ALA A 393 5.01 -18.87 6.34
N LYS A 394 4.46 -18.43 5.22
CA LYS A 394 4.58 -19.15 3.97
C LYS A 394 5.75 -18.64 3.11
N LYS A 395 6.17 -17.39 3.28
CA LYS A 395 7.22 -16.81 2.45
C LYS A 395 8.23 -16.10 3.32
N PHE A 396 8.86 -16.89 4.17
CA PHE A 396 9.78 -16.36 5.20
C PHE A 396 11.12 -16.06 4.53
N VAL A 397 11.70 -14.91 4.88
CA VAL A 397 13.01 -14.52 4.38
C VAL A 397 13.93 -14.10 5.52
N VAL A 398 15.21 -14.29 5.27
CA VAL A 398 16.25 -13.91 6.19
C VAL A 398 17.12 -12.87 5.54
N TYR A 399 17.44 -11.83 6.32
CA TYR A 399 18.19 -10.70 5.79
C TYR A 399 19.41 -10.49 6.69
N GLU A 400 20.60 -10.80 6.19
CA GLU A 400 21.81 -10.70 7.00
C GLU A 400 22.35 -9.27 6.96
N VAL A 401 22.73 -8.75 8.12
CA VAL A 401 23.26 -7.41 8.25
C VAL A 401 24.62 -7.51 8.90
N LEU A 402 25.34 -6.38 8.92
CA LEU A 402 26.64 -6.29 9.55
C LEU A 402 26.50 -5.89 11.01
N ARG A 403 27.06 -6.70 11.90
CA ARG A 403 26.97 -6.45 13.33
C ARG A 403 27.40 -5.04 13.72
N GLU A 404 28.55 -4.61 13.19
CA GLU A 404 29.12 -3.30 13.54
C GLU A 404 28.22 -2.12 13.17
N ASP A 405 27.34 -2.33 12.19
CA ASP A 405 26.45 -1.27 11.74
C ASP A 405 25.08 -1.35 12.39
N GLU A 406 24.70 -2.52 12.88
CA GLU A 406 23.28 -2.82 13.18
C GLU A 406 22.92 -3.43 14.50
N PHE A 407 23.88 -3.96 15.25
CA PHE A 407 23.58 -4.76 16.42
C PHE A 407 24.60 -4.55 17.54
N SER A 408 24.22 -3.74 18.52
CA SER A 408 25.00 -3.62 19.76
C SER A 408 24.03 -3.54 20.92
N PRO A 409 23.59 -4.71 21.43
CA PRO A 409 22.52 -4.74 22.44
C PRO A 409 22.96 -4.29 23.80
N LEU A 410 22.02 -3.74 24.57
CA LEU A 410 22.24 -3.36 25.96
C LEU A 410 21.51 -4.41 26.82
N LYS A 411 22.27 -5.37 27.33
CA LYS A 411 21.72 -6.48 28.11
C LYS A 411 22.16 -6.51 29.58
N ASN A 412 23.35 -5.97 29.83
CA ASN A 412 24.07 -6.14 31.12
C ASN A 412 24.55 -4.80 31.67
N ALA A 413 24.66 -4.70 32.99
CA ALA A 413 25.36 -3.58 33.60
C ALA A 413 26.86 -3.68 33.32
N ASP A 414 27.54 -2.55 33.40
CA ASP A 414 28.99 -2.49 33.12
C ASP A 414 29.99 -3.52 33.69
N SER A 415 29.85 -3.96 34.93
CA SER A 415 30.89 -4.87 35.47
C SER A 415 30.63 -6.36 35.26
N GLN A 416 29.48 -6.71 34.70
CA GLN A 416 28.92 -8.02 34.95
C GLN A 416 29.58 -9.14 34.18
N ASN A 417 29.77 -8.96 32.88
CA ASN A 417 30.51 -9.95 32.11
C ASN A 417 31.37 -9.41 30.96
N GLY A 418 31.59 -8.09 30.89
CA GLY A 418 32.41 -7.51 29.86
C GLY A 418 31.75 -7.37 28.50
N LYS A 419 30.46 -7.67 28.40
CA LYS A 419 29.74 -7.65 27.13
C LYS A 419 28.39 -6.94 27.23
N ASP A 420 27.93 -6.45 26.08
CA ASP A 420 26.55 -5.96 25.90
C ASP A 420 26.08 -5.03 27.01
N ASN A 421 26.88 -4.01 27.26
CA ASN A 421 26.66 -3.11 28.38
C ASN A 421 26.70 -1.66 27.92
N PRO A 422 26.52 -0.69 28.84
CA PRO A 422 26.53 0.70 28.39
C PRO A 422 27.82 1.13 27.69
N THR A 423 28.95 0.62 28.16
CA THR A 423 30.23 0.94 27.58
C THR A 423 30.33 0.40 26.16
N THR A 424 29.96 -0.85 25.95
CA THR A 424 30.09 -1.43 24.61
C THR A 424 29.12 -0.75 23.65
N ALA A 425 27.91 -0.45 24.16
CA ALA A 425 26.88 0.22 23.35
C ALA A 425 27.34 1.60 22.90
N ARG A 426 27.82 2.41 23.84
CA ARG A 426 28.26 3.74 23.47
C ARG A 426 29.44 3.69 22.51
N HIS A 427 30.40 2.78 22.73
CA HIS A 427 31.56 2.71 21.87
C HIS A 427 31.22 2.16 20.48
N ALA A 428 30.21 1.30 20.38
CA ALA A 428 29.78 0.76 19.10
C ALA A 428 29.17 1.88 18.21
N LEU A 429 28.38 2.75 18.84
CA LEU A 429 27.72 3.84 18.11
C LEU A 429 28.78 4.85 17.66
N MET A 430 29.67 5.22 18.57
CA MET A 430 30.73 6.18 18.25
C MET A 430 31.70 5.63 17.21
N SER A 431 32.02 4.34 17.26
CA SER A 431 32.84 3.72 16.23
C SER A 431 32.14 3.74 14.87
N LEU A 432 30.84 3.44 14.85
CA LEU A 432 30.10 3.51 13.60
C LEU A 432 30.15 4.91 12.95
N HIS A 433 29.89 5.93 13.74
CA HIS A 433 29.81 7.31 13.23
C HIS A 433 31.19 7.81 12.79
N HIS A 434 32.23 7.35 13.49
CA HIS A 434 33.61 7.57 13.07
C HIS A 434 33.84 7.01 11.67
N CYS A 435 33.43 5.77 11.45
CA CYS A 435 33.47 5.16 10.14
C CYS A 435 32.65 5.93 9.10
N TRP A 436 31.47 6.42 9.46
CA TRP A 436 30.67 7.25 8.54
C TRP A 436 31.45 8.48 8.05
N VAL A 437 32.13 9.14 8.98
CA VAL A 437 32.92 10.35 8.66
C VAL A 437 34.02 9.97 7.69
N LEU A 438 34.76 8.90 7.98
CA LEU A 438 35.85 8.51 7.05
C LEU A 438 35.33 8.09 5.68
N ASN A 439 34.23 7.35 5.68
CA ASN A 439 33.64 6.88 4.43
C ASN A 439 33.08 8.02 3.58
N ALA A 440 32.71 9.12 4.21
CA ALA A 440 32.23 10.32 3.53
C ALA A 440 33.35 11.32 3.13
N GLY A 441 34.62 10.93 3.33
CA GLY A 441 35.77 11.69 2.87
C GLY A 441 36.40 12.60 3.89
N GLY A 442 35.98 12.49 5.17
CA GLY A 442 36.55 13.27 6.24
C GLY A 442 37.68 12.52 6.93
N HIS A 443 38.38 13.21 7.81
CA HIS A 443 39.54 12.66 8.53
C HIS A 443 39.51 13.13 9.98
N PHE A 444 40.12 12.35 10.85
CA PHE A 444 40.36 12.75 12.20
C PHE A 444 41.85 13.01 12.37
N ILE A 445 42.13 14.02 13.16
CA ILE A 445 43.50 14.50 13.46
C ILE A 445 43.77 14.51 14.96
N ASP A 446 45.03 14.37 15.31
CA ASP A 446 45.41 14.47 16.71
C ASP A 446 45.52 15.93 17.15
N GLU A 447 45.97 16.14 18.39
CA GLU A 447 46.08 17.48 18.95
C GLU A 447 47.14 18.35 18.27
N ASN A 448 48.01 17.74 17.49
CA ASN A 448 49.01 18.48 16.69
C ASN A 448 48.64 18.64 15.21
N GLY A 449 47.41 18.29 14.83
CA GLY A 449 46.96 18.39 13.43
C GLY A 449 47.30 17.26 12.49
N SER A 450 47.87 16.16 13.01
CA SER A 450 48.33 15.07 12.16
C SER A 450 47.25 14.04 11.99
N ARG A 451 47.14 13.48 10.79
CA ARG A 451 46.04 12.57 10.47
C ARG A 451 46.17 11.27 11.24
N LEU A 452 45.06 10.84 11.83
CA LEU A 452 45.00 9.60 12.57
C LEU A 452 44.65 8.46 11.64
N PRO A 453 45.20 7.27 11.90
CA PRO A 453 44.78 6.08 11.19
C PRO A 453 43.29 5.78 11.36
N ALA A 454 42.72 5.02 10.43
CA ALA A 454 41.37 4.46 10.61
C ALA A 454 41.23 3.68 11.95
N ILE A 455 42.29 2.97 12.32
CA ILE A 455 42.34 2.14 13.52
C ILE A 455 43.57 2.58 14.34
N PRO A 456 43.45 3.67 15.10
CA PRO A 456 44.59 4.10 15.93
C PRO A 456 44.93 3.17 17.08
N ARG A 457 46.21 3.04 17.39
CA ARG A 457 46.65 2.29 18.56
C ARG A 457 46.39 3.11 19.84
N LEU A 458 45.83 2.48 20.86
CA LEU A 458 45.66 3.15 22.15
C LEU A 458 47.02 3.21 22.83
N LYS A 459 47.37 4.38 23.33
CA LYS A 459 48.74 4.65 23.78
C LYS A 459 49.01 4.24 25.23
N ASP A 460 48.03 4.46 26.09
CA ASP A 460 48.13 4.09 27.51
C ASP A 460 46.71 3.91 28.06
N ALA A 461 46.58 3.60 29.34
CA ALA A 461 45.27 3.33 29.96
C ALA A 461 44.33 4.54 30.03
N ASN A 462 44.89 5.76 29.95
CA ASN A 462 44.08 6.99 29.95
C ASN A 462 43.63 7.40 28.55
N ASP A 463 44.10 6.70 27.52
CA ASP A 463 43.82 7.08 26.16
C ASP A 463 42.42 6.61 25.84
N VAL A 464 41.78 7.31 24.90
CA VAL A 464 40.40 7.06 24.50
C VAL A 464 40.29 6.80 22.99
N PRO A 465 39.36 5.93 22.59
CA PRO A 465 38.98 5.85 21.20
C PRO A 465 38.38 7.16 20.72
N ILE A 466 38.47 7.40 19.42
CA ILE A 466 37.82 8.55 18.80
C ILE A 466 36.34 8.60 19.19
N GLN A 467 35.92 9.73 19.76
CA GLN A 467 34.54 9.95 20.10
C GLN A 467 33.85 10.75 19.00
N CYS A 468 32.81 10.18 18.38
CA CYS A 468 32.09 10.85 17.30
C CYS A 468 30.63 10.50 17.45
N GLU A 469 29.75 11.48 17.36
CA GLU A 469 28.31 11.22 17.39
C GLU A 469 27.62 12.11 16.38
N ILE A 470 26.78 11.51 15.55
CA ILE A 470 26.09 12.17 14.48
C ILE A 470 24.62 11.94 14.78
N SER A 471 23.89 13.05 14.87
CA SER A 471 22.45 12.99 15.13
C SER A 471 21.76 12.21 14.02
N PRO A 472 20.73 11.38 14.35
CA PRO A 472 19.93 10.77 13.27
C PRO A 472 19.27 11.82 12.33
N LEU A 473 18.99 12.99 12.85
CA LEU A 473 18.40 14.08 12.07
C LEU A 473 19.35 14.55 10.94
N ILE A 474 20.64 14.38 11.16
CA ILE A 474 21.63 14.61 10.12
C ILE A 474 21.87 13.41 9.18
N SER A 475 22.02 12.21 9.75
CA SER A 475 22.32 11.04 8.97
C SER A 475 21.69 9.81 9.63
N TYR A 476 20.87 9.11 8.88
CA TYR A 476 20.28 7.84 9.34
C TYR A 476 21.26 6.68 9.35
N ALA A 477 22.04 6.52 8.27
CA ALA A 477 22.96 5.38 8.09
C ALA A 477 24.24 5.74 7.31
N GLY A 478 24.71 6.97 7.50
CA GLY A 478 25.95 7.44 6.86
C GLY A 478 25.82 8.29 5.62
N GLU A 479 24.58 8.46 5.16
CA GLU A 479 24.27 9.37 4.04
C GLU A 479 24.23 10.84 4.46
N GLY A 480 24.32 11.72 3.43
CA GLY A 480 24.16 13.15 3.56
C GLY A 480 25.22 13.90 4.34
N LEU A 481 26.41 13.31 4.45
CA LEU A 481 27.47 13.89 5.25
C LEU A 481 28.48 14.71 4.45
N GLU A 482 28.38 14.74 3.11
CA GLU A 482 29.38 15.41 2.27
C GLU A 482 29.65 16.84 2.71
N SER A 483 28.59 17.62 2.86
CA SER A 483 28.71 19.04 3.19
C SER A 483 29.36 19.26 4.56
N TYR A 484 29.13 18.30 5.48
CA TYR A 484 29.66 18.40 6.84
C TYR A 484 31.13 18.00 6.95
N VAL A 485 31.56 17.00 6.18
CA VAL A 485 32.87 16.39 6.46
C VAL A 485 33.82 16.17 5.29
N ALA A 486 33.33 16.20 4.05
CA ALA A 486 34.15 15.80 2.91
C ALA A 486 35.36 16.73 2.80
N ASP A 487 36.54 16.13 2.80
CA ASP A 487 37.83 16.84 2.73
C ASP A 487 38.06 17.83 3.87
N LYS A 488 37.50 17.52 5.03
CA LYS A 488 37.71 18.30 6.21
C LYS A 488 38.35 17.36 7.22
N GLU A 489 38.94 17.93 8.25
CA GLU A 489 39.63 17.18 9.30
C GLU A 489 39.20 17.68 10.65
N PHE A 490 39.09 16.76 11.60
CA PHE A 490 38.44 16.98 12.88
C PHE A 490 39.24 16.39 14.01
N HIS A 491 39.31 17.13 15.10
CA HIS A 491 39.87 16.68 16.35
C HIS A 491 38.70 16.25 17.26
N ALA A 492 38.67 14.97 17.60
CA ALA A 492 37.61 14.40 18.43
C ALA A 492 37.70 14.95 19.85
N PRO A 493 36.60 15.02 20.60
CA PRO A 493 35.28 14.56 20.21
C PRO A 493 34.61 15.42 19.17
N LEU A 494 33.89 14.77 18.26
CA LEU A 494 33.21 15.41 17.17
C LEU A 494 31.74 15.09 17.26
N ILE A 495 30.91 16.11 17.35
CA ILE A 495 29.46 15.95 17.27
C ILE A 495 28.96 16.66 16.02
N ILE A 496 28.03 16.04 15.32
CA ILE A 496 27.36 16.69 14.21
C ILE A 496 25.86 16.62 14.45
N ASP A 497 25.23 17.78 14.51
CA ASP A 497 23.81 17.83 14.85
C ASP A 497 23.15 18.95 14.04
N GLU A 498 21.89 19.25 14.37
CA GLU A 498 21.17 20.31 13.65
C GLU A 498 21.71 21.73 13.84
N ASN A 499 22.65 21.90 14.77
CA ASN A 499 23.42 23.15 14.91
C ASN A 499 24.82 23.11 14.27
N GLY A 500 25.16 21.99 13.61
CA GLY A 500 26.30 21.90 12.70
C GLY A 500 27.37 20.99 13.28
N VAL A 501 28.63 21.26 12.97
CA VAL A 501 29.78 20.43 13.37
C VAL A 501 30.49 21.04 14.59
N HIS A 502 30.73 20.24 15.63
CA HIS A 502 31.33 20.74 16.86
C HIS A 502 32.51 19.90 17.30
N GLU A 503 33.70 20.51 17.38
CA GLU A 503 34.84 19.88 18.04
C GLU A 503 34.77 20.23 19.52
N LEU A 504 34.56 19.23 20.39
CA LEU A 504 34.43 19.51 21.83
C LEU A 504 35.81 19.74 22.43
N VAL A 505 35.87 20.65 23.41
CA VAL A 505 37.14 21.15 23.94
C VAL A 505 37.14 21.15 25.47
N ILE B 7 20.79 27.86 -14.54
CA ILE B 7 19.73 28.47 -15.42
C ILE B 7 20.22 28.96 -16.77
N ASN B 8 21.52 29.14 -17.01
CA ASN B 8 21.95 29.66 -18.31
C ASN B 8 21.75 28.61 -19.41
N ASP B 9 21.85 27.32 -19.11
CA ASP B 9 21.46 26.30 -20.08
C ASP B 9 19.96 26.33 -20.37
N LEU B 10 19.15 26.54 -19.33
CA LEU B 10 17.68 26.62 -19.53
C LEU B 10 17.31 27.86 -20.34
N LYS B 11 17.93 28.99 -20.01
CA LYS B 11 17.68 30.24 -20.73
C LYS B 11 17.95 30.07 -22.21
N LEU B 12 19.03 29.36 -22.52
CA LEU B 12 19.42 29.09 -23.89
C LEU B 12 18.43 28.19 -24.62
N THR B 13 18.03 27.11 -23.96
CA THR B 13 17.00 26.21 -24.50
C THR B 13 15.72 27.02 -24.82
N LEU B 14 15.29 27.85 -23.88
CA LEU B 14 14.09 28.66 -24.05
C LEU B 14 14.22 29.70 -25.16
N SER B 15 15.38 30.34 -25.24
CA SER B 15 15.63 31.36 -26.28
C SER B 15 15.58 30.73 -27.67
N LYS B 16 16.22 29.56 -27.83
CA LYS B 16 16.21 28.83 -29.11
C LYS B 16 14.80 28.49 -29.59
N ALA B 17 13.93 28.13 -28.64
CA ALA B 17 12.55 27.75 -28.94
C ALA B 17 11.59 28.94 -29.00
N GLY B 18 12.08 30.14 -28.70
CA GLY B 18 11.23 31.32 -28.62
C GLY B 18 10.23 31.28 -27.46
N GLN B 19 10.63 30.72 -26.32
CA GLN B 19 9.76 30.56 -25.15
C GLN B 19 10.39 31.19 -23.90
N GLU B 20 11.24 32.19 -24.13
CA GLU B 20 12.02 32.82 -23.06
C GLU B 20 11.17 33.65 -22.10
N HIS B 21 9.96 34.03 -22.51
CA HIS B 21 9.01 34.67 -21.60
C HIS B 21 8.61 33.79 -20.42
N LEU B 22 8.88 32.48 -20.47
CA LEU B 22 8.55 31.60 -19.35
C LEU B 22 9.30 31.92 -18.07
N LEU B 23 10.43 32.64 -18.17
CA LEU B 23 11.14 33.06 -16.98
C LEU B 23 10.86 34.50 -16.54
N ARG B 24 9.79 35.14 -17.02
CA ARG B 24 9.63 36.57 -16.77
C ARG B 24 9.33 36.93 -15.31
N PHE B 25 8.80 36.00 -14.51
CA PHE B 25 8.56 36.30 -13.10
C PHE B 25 9.60 35.68 -12.19
N TRP B 26 10.75 35.26 -12.71
CA TRP B 26 11.73 34.48 -11.93
C TRP B 26 12.15 35.22 -10.65
N ASN B 27 12.52 36.50 -10.80
CA ASN B 27 12.97 37.32 -9.67
C ASN B 27 11.89 37.63 -8.60
N GLU B 28 10.62 37.31 -8.88
CA GLU B 28 9.51 37.55 -7.93
C GLU B 28 9.12 36.31 -7.11
N LEU B 29 9.84 35.20 -7.27
CA LEU B 29 9.46 33.93 -6.69
C LEU B 29 10.44 33.64 -5.57
N GLU B 30 9.96 32.98 -4.52
CA GLU B 30 10.84 32.44 -3.50
C GLU B 30 11.35 31.11 -4.03
N GLU B 31 12.53 30.71 -3.55
CA GLU B 31 13.26 29.54 -4.06
C GLU B 31 12.39 28.29 -4.14
N ALA B 32 11.54 28.06 -3.14
CA ALA B 32 10.63 26.91 -3.17
C ALA B 32 9.86 26.89 -4.50
N GLN B 33 9.25 28.04 -4.82
CA GLN B 33 8.46 28.19 -6.03
C GLN B 33 9.30 28.17 -7.31
N GLN B 34 10.50 28.76 -7.27
CA GLN B 34 11.44 28.73 -8.41
C GLN B 34 11.83 27.33 -8.81
N VAL B 35 12.06 26.47 -7.83
CA VAL B 35 12.45 25.11 -8.13
C VAL B 35 11.27 24.39 -8.78
N GLU B 36 10.03 24.61 -8.35
CA GLU B 36 8.95 23.89 -9.05
C GLU B 36 8.77 24.38 -10.50
N LEU B 37 9.03 25.65 -10.80
CA LEU B 37 9.00 26.11 -12.20
C LEU B 37 10.13 25.43 -12.97
N TYR B 38 11.31 25.43 -12.36
CA TYR B 38 12.50 24.81 -12.94
C TYR B 38 12.25 23.35 -13.33
N ALA B 39 11.59 22.61 -12.44
CA ALA B 39 11.25 21.20 -12.66
C ALA B 39 10.31 21.05 -13.84
N GLU B 40 9.33 21.95 -13.88
CA GLU B 40 8.34 21.95 -14.94
C GLU B 40 8.98 22.22 -16.29
N LEU B 41 9.83 23.25 -16.34
CA LEU B 41 10.47 23.62 -17.59
C LEU B 41 11.48 22.59 -18.04
N GLN B 42 12.32 22.11 -17.11
CA GLN B 42 13.34 21.10 -17.47
C GLN B 42 12.72 19.83 -18.01
N ALA B 43 11.48 19.54 -17.58
CA ALA B 43 10.74 18.37 -18.03
C ALA B 43 10.19 18.43 -19.46
N MET B 44 10.14 19.61 -20.08
CA MET B 44 9.47 19.80 -21.38
C MET B 44 10.42 19.73 -22.57
N ASN B 45 9.89 19.30 -23.71
CA ASN B 45 10.65 19.27 -24.94
C ASN B 45 10.16 20.42 -25.83
N PHE B 46 10.82 21.56 -25.73
CA PHE B 46 10.32 22.79 -26.38
C PHE B 46 10.38 22.70 -27.88
N GLU B 47 11.44 22.06 -28.39
CA GLU B 47 11.61 21.79 -29.82
C GLU B 47 10.41 21.02 -30.41
N GLU B 48 10.10 19.90 -29.77
CA GLU B 48 8.99 19.07 -30.17
C GLU B 48 7.65 19.81 -30.07
N LEU B 49 7.46 20.55 -28.98
CA LEU B 49 6.21 21.27 -28.76
C LEU B 49 5.94 22.34 -29.84
N ASN B 50 6.97 23.07 -30.23
CA ASN B 50 6.85 24.03 -31.34
C ASN B 50 6.41 23.33 -32.63
N PHE B 51 6.94 22.13 -32.84
CA PHE B 51 6.63 21.34 -34.02
C PHE B 51 5.19 20.86 -33.95
N PHE B 52 4.80 20.26 -32.82
CA PHE B 52 3.37 19.86 -32.62
C PHE B 52 2.44 21.03 -32.90
N PHE B 53 2.77 22.21 -32.36
CA PHE B 53 1.92 23.40 -32.58
C PHE B 53 1.82 23.73 -34.06
N GLN B 54 2.98 23.76 -34.73
CA GLN B 54 3.01 24.19 -36.12
C GLN B 54 2.18 23.27 -37.00
N LYS B 55 2.32 21.95 -36.80
CA LYS B 55 1.54 20.94 -37.54
C LYS B 55 0.06 20.89 -37.14
N ALA B 56 -0.24 21.22 -35.88
CA ALA B 56 -1.63 21.34 -35.44
C ALA B 56 -2.33 22.51 -36.13
N ILE B 57 -1.67 23.67 -36.16
CA ILE B 57 -2.22 24.85 -36.84
C ILE B 57 -2.40 24.61 -38.34
N GLU B 58 -1.41 23.99 -38.98
CA GLU B 58 -1.52 23.64 -40.41
C GLU B 58 -2.82 22.85 -40.66
N GLY B 59 -3.09 21.87 -39.81
CA GLY B 59 -4.36 21.14 -39.83
C GLY B 59 -5.59 22.01 -39.66
N PHE B 60 -5.53 22.95 -38.70
CA PHE B 60 -6.64 23.88 -38.42
C PHE B 60 -7.34 24.33 -39.71
N VAL B 69 -16.86 17.36 -44.25
CA VAL B 69 -16.76 16.09 -43.52
C VAL B 69 -17.99 15.22 -43.82
N ASP B 70 -19.15 15.85 -43.67
CA ASP B 70 -20.46 15.26 -43.99
C ASP B 70 -20.55 14.78 -45.42
N ALA B 71 -20.05 15.59 -46.34
CA ALA B 71 -20.04 15.26 -47.76
C ALA B 71 -19.26 13.98 -48.09
N ARG B 72 -18.29 13.60 -47.24
CA ARG B 72 -17.41 12.46 -47.51
C ARG B 72 -17.72 11.23 -46.64
N MET B 73 -18.77 11.29 -45.82
CA MET B 73 -19.19 10.19 -44.94
C MET B 73 -20.07 9.20 -45.68
N GLU B 74 -19.80 7.90 -45.49
CA GLU B 74 -20.70 6.84 -45.95
C GLU B 74 -20.95 5.86 -44.82
N PRO B 75 -22.15 5.25 -44.80
CA PRO B 75 -22.56 4.37 -43.72
C PRO B 75 -21.76 3.09 -43.64
N VAL B 76 -21.84 2.46 -42.48
CA VAL B 76 -21.42 1.08 -42.34
C VAL B 76 -22.56 0.25 -42.91
N PRO B 77 -22.31 -0.53 -43.96
CA PRO B 77 -23.37 -1.35 -44.55
C PRO B 77 -23.77 -2.48 -43.61
N LEU B 91 -21.80 -17.70 -32.72
CA LEU B 91 -21.82 -16.97 -31.45
C LEU B 91 -21.24 -17.78 -30.29
N GLN B 92 -21.62 -19.05 -30.24
CA GLN B 92 -21.04 -19.97 -29.24
C GLN B 92 -19.56 -20.12 -29.46
N ALA B 93 -19.17 -20.30 -30.72
CA ALA B 93 -17.75 -20.38 -31.08
C ALA B 93 -17.03 -19.12 -30.61
N TRP B 94 -17.66 -17.95 -30.80
CA TRP B 94 -17.02 -16.68 -30.38
C TRP B 94 -16.77 -16.67 -28.89
N GLU B 95 -17.78 -16.97 -28.10
CA GLU B 95 -17.63 -16.97 -26.65
C GLU B 95 -16.58 -18.00 -26.25
N SER B 96 -16.65 -19.20 -26.83
CA SER B 96 -15.64 -20.19 -26.48
C SER B 96 -14.23 -19.76 -26.86
N GLU B 97 -14.06 -19.18 -28.05
CA GLU B 97 -12.79 -18.65 -28.45
C GLU B 97 -12.29 -17.59 -27.47
N GLY B 98 -13.14 -16.65 -27.11
CA GLY B 98 -12.77 -15.63 -26.11
C GLY B 98 -12.36 -16.22 -24.77
N LEU B 99 -13.12 -17.19 -24.26
CA LEU B 99 -12.77 -17.82 -23.01
C LEU B 99 -11.46 -18.61 -23.11
N PHE B 100 -11.23 -19.24 -24.26
CA PHE B 100 -9.96 -19.92 -24.49
C PHE B 100 -8.77 -18.95 -24.46
N GLN B 101 -8.90 -17.83 -25.15
CA GLN B 101 -7.84 -16.81 -25.14
C GLN B 101 -7.55 -16.33 -23.71
N ILE B 102 -8.59 -16.09 -22.94
CA ILE B 102 -8.45 -15.70 -21.52
C ILE B 102 -7.71 -16.80 -20.74
N SER B 103 -8.12 -18.05 -20.98
CA SER B 103 -7.54 -19.19 -20.27
C SER B 103 -6.05 -19.40 -20.56
N GLN B 104 -5.61 -18.90 -21.71
CA GLN B 104 -4.21 -18.98 -22.13
C GLN B 104 -3.36 -17.78 -21.68
N ASN B 105 -3.92 -16.93 -20.83
CA ASN B 105 -3.24 -15.70 -20.41
C ASN B 105 -2.91 -14.77 -21.58
N LYS B 106 -3.75 -14.79 -22.59
CA LYS B 106 -3.54 -13.99 -23.80
C LYS B 106 -4.40 -12.72 -23.94
N VAL B 107 -5.14 -12.34 -22.88
CA VAL B 107 -6.06 -11.21 -22.92
C VAL B 107 -5.73 -10.27 -21.78
N ALA B 108 -5.59 -9.00 -22.12
CA ALA B 108 -5.55 -7.93 -21.12
C ALA B 108 -6.61 -6.92 -21.43
N VAL B 109 -6.87 -6.07 -20.43
CA VAL B 109 -7.79 -4.96 -20.65
C VAL B 109 -7.06 -3.66 -20.36
N LEU B 110 -7.48 -2.62 -21.04
CA LEU B 110 -6.87 -1.31 -20.88
C LEU B 110 -7.99 -0.32 -20.64
N LEU B 111 -7.98 0.28 -19.45
CA LEU B 111 -9.04 1.16 -19.01
C LEU B 111 -8.66 2.63 -19.21
N LEU B 112 -9.53 3.34 -19.93
CA LEU B 112 -9.47 4.78 -20.09
C LEU B 112 -10.20 5.30 -18.87
N ALA B 113 -9.42 5.56 -17.83
CA ALA B 113 -9.95 5.89 -16.51
C ALA B 113 -10.35 7.37 -16.38
N GLY B 114 -9.86 8.19 -17.31
CA GLY B 114 -10.21 9.61 -17.39
C GLY B 114 -9.51 10.40 -16.31
N GLY B 115 -9.99 11.61 -16.08
CA GLY B 115 -9.42 12.51 -15.06
C GLY B 115 -10.40 12.79 -13.94
N GLN B 116 -10.32 13.98 -13.36
CA GLN B 116 -11.32 14.38 -12.37
C GLN B 116 -12.70 14.36 -12.98
N GLY B 117 -13.69 13.90 -12.22
CA GLY B 117 -15.07 13.73 -12.73
C GLY B 117 -15.85 15.02 -12.76
N THR B 118 -15.26 16.06 -13.36
CA THR B 118 -15.80 17.40 -13.40
C THR B 118 -17.15 17.48 -14.10
N ARG B 119 -17.38 16.63 -15.10
CA ARG B 119 -18.72 16.55 -15.74
C ARG B 119 -19.83 16.03 -14.81
N LEU B 120 -19.45 15.40 -13.70
CA LEU B 120 -20.37 14.90 -12.70
C LEU B 120 -20.42 15.79 -11.46
N GLY B 121 -19.64 16.85 -11.45
CA GLY B 121 -19.56 17.77 -10.31
C GLY B 121 -18.66 17.33 -9.17
N VAL B 122 -17.74 16.39 -9.43
CA VAL B 122 -16.82 15.87 -8.39
C VAL B 122 -15.37 15.97 -8.87
N ALA B 123 -14.43 16.02 -7.94
CA ALA B 123 -12.99 16.07 -8.28
C ALA B 123 -12.32 14.71 -8.33
N TYR B 124 -12.98 13.67 -7.82
CA TYR B 124 -12.42 12.33 -7.84
C TYR B 124 -12.74 11.67 -9.18
N PRO B 125 -11.96 10.66 -9.58
CA PRO B 125 -12.25 10.09 -10.91
C PRO B 125 -13.51 9.26 -10.92
N LYS B 126 -14.07 9.12 -12.11
CA LYS B 126 -15.34 8.42 -12.27
C LYS B 126 -15.35 6.97 -11.78
N GLY B 127 -14.22 6.28 -11.83
CA GLY B 127 -14.18 4.89 -11.36
C GLY B 127 -14.60 4.76 -9.90
N MET B 128 -14.40 5.83 -9.13
CA MET B 128 -14.79 5.88 -7.74
C MET B 128 -16.24 6.25 -7.46
N TYR B 129 -17.00 6.55 -8.51
CA TYR B 129 -18.36 7.00 -8.33
C TYR B 129 -19.29 5.89 -7.90
N ASP B 130 -20.11 6.22 -6.91
CA ASP B 130 -21.13 5.36 -6.36
C ASP B 130 -22.50 5.89 -6.84
N VAL B 131 -23.14 5.13 -7.73
CA VAL B 131 -24.40 5.57 -8.34
C VAL B 131 -25.63 5.26 -7.48
N GLY B 132 -25.44 4.75 -6.28
CA GLY B 132 -26.56 4.45 -5.37
C GLY B 132 -27.22 3.11 -5.62
N LEU B 133 -26.46 2.14 -6.10
CA LEU B 133 -26.93 0.76 -6.14
C LEU B 133 -27.22 0.25 -4.72
N PRO B 134 -28.09 -0.78 -4.59
CA PRO B 134 -28.28 -1.37 -3.24
C PRO B 134 -26.98 -1.75 -2.54
N SER B 135 -26.00 -2.27 -3.29
CA SER B 135 -24.67 -2.64 -2.74
C SER B 135 -23.73 -1.46 -2.46
N ARG B 136 -24.08 -0.28 -2.97
CA ARG B 136 -23.22 0.91 -3.00
C ARG B 136 -21.87 0.72 -3.70
N LYS B 137 -21.77 -0.29 -4.56
CA LYS B 137 -20.48 -0.56 -5.20
C LYS B 137 -20.12 0.52 -6.19
N THR B 138 -18.82 0.82 -6.28
CA THR B 138 -18.29 1.76 -7.25
C THR B 138 -18.15 1.09 -8.63
N LEU B 139 -17.99 1.91 -9.63
CA LEU B 139 -17.77 1.43 -10.99
C LEU B 139 -16.50 0.58 -11.05
N PHE B 140 -15.43 1.01 -10.38
CA PHE B 140 -14.23 0.20 -10.31
C PHE B 140 -14.49 -1.21 -9.77
N GLN B 141 -15.26 -1.31 -8.69
CA GLN B 141 -15.48 -2.59 -8.06
C GLN B 141 -16.25 -3.51 -8.98
N ILE B 142 -17.27 -2.98 -9.65
CA ILE B 142 -18.05 -3.79 -10.58
C ILE B 142 -17.14 -4.31 -11.70
N GLN B 143 -16.27 -3.44 -12.20
CA GLN B 143 -15.36 -3.83 -13.31
C GLN B 143 -14.37 -4.87 -12.84
N ALA B 144 -13.81 -4.68 -11.65
CA ALA B 144 -12.90 -5.67 -11.09
C ALA B 144 -13.54 -7.04 -10.92
N GLU B 145 -14.77 -7.04 -10.43
CA GLU B 145 -15.47 -8.30 -10.21
C GLU B 145 -15.79 -9.01 -11.53
N ARG B 146 -16.03 -8.24 -12.59
CA ARG B 146 -16.20 -8.83 -13.94
C ARG B 146 -14.92 -9.51 -14.43
N ILE B 147 -13.77 -8.89 -14.17
CA ILE B 147 -12.49 -9.49 -14.54
C ILE B 147 -12.24 -10.79 -13.75
N LEU B 148 -12.43 -10.72 -12.44
CA LEU B 148 -12.21 -11.89 -11.58
C LEU B 148 -13.16 -13.02 -11.97
N LYS B 149 -14.40 -12.66 -12.27
CA LYS B 149 -15.37 -13.64 -12.72
C LYS B 149 -14.91 -14.38 -13.97
N LEU B 150 -14.48 -13.66 -15.00
CA LEU B 150 -14.00 -14.33 -16.23
C LEU B 150 -12.79 -15.22 -15.96
N GLN B 151 -11.89 -14.77 -15.07
CA GLN B 151 -10.75 -15.62 -14.73
C GLN B 151 -11.25 -16.92 -14.13
N GLN B 152 -12.30 -16.83 -13.31
CA GLN B 152 -12.88 -18.02 -12.68
C GLN B 152 -13.59 -18.90 -13.68
N VAL B 153 -14.33 -18.28 -14.58
CA VAL B 153 -15.10 -19.05 -15.56
C VAL B 153 -14.14 -19.80 -16.48
N ALA B 154 -13.13 -19.10 -16.98
CA ALA B 154 -12.11 -19.74 -17.83
C ALA B 154 -11.43 -20.91 -17.11
N GLU B 155 -11.11 -20.75 -15.84
CA GLU B 155 -10.51 -21.84 -15.07
C GLU B 155 -11.47 -23.02 -14.98
N LYS B 156 -12.76 -22.74 -14.84
CA LYS B 156 -13.77 -23.79 -14.81
C LYS B 156 -13.80 -24.58 -16.12
N TYR B 157 -13.74 -23.90 -17.25
CA TYR B 157 -13.84 -24.60 -18.54
C TYR B 157 -12.54 -25.22 -19.01
N TYR B 158 -11.40 -24.63 -18.70
CA TYR B 158 -10.12 -25.12 -19.22
C TYR B 158 -9.13 -25.65 -18.17
N GLY B 159 -9.44 -25.49 -16.88
CA GLY B 159 -8.72 -26.17 -15.81
C GLY B 159 -7.56 -25.47 -15.15
N ASN B 160 -7.04 -24.39 -15.73
CA ASN B 160 -5.92 -23.68 -15.12
C ASN B 160 -6.28 -22.29 -14.64
N LYS B 161 -5.59 -21.87 -13.59
CA LYS B 161 -5.62 -20.49 -13.15
C LYS B 161 -5.12 -19.61 -14.29
N CYS B 162 -5.83 -18.53 -14.56
CA CYS B 162 -5.44 -17.57 -15.56
C CYS B 162 -5.63 -16.13 -15.07
N ILE B 163 -5.08 -15.22 -15.87
CA ILE B 163 -4.90 -13.81 -15.50
C ILE B 163 -5.28 -12.94 -16.68
N ILE B 164 -6.13 -11.95 -16.40
CA ILE B 164 -6.39 -10.85 -17.30
C ILE B 164 -5.78 -9.60 -16.67
N PRO B 165 -4.60 -9.18 -17.15
CA PRO B 165 -4.02 -7.98 -16.54
C PRO B 165 -4.85 -6.76 -16.85
N TRP B 166 -4.86 -5.83 -15.89
CA TRP B 166 -5.65 -4.60 -16.00
C TRP B 166 -4.73 -3.40 -16.04
N TYR B 167 -4.55 -2.86 -17.24
CA TYR B 167 -3.79 -1.62 -17.48
C TYR B 167 -4.78 -0.46 -17.27
N ILE B 168 -4.46 0.45 -16.37
CA ILE B 168 -5.35 1.57 -16.07
C ILE B 168 -4.63 2.89 -16.37
N MET B 169 -5.12 3.64 -17.35
CA MET B 169 -4.53 4.94 -17.69
C MET B 169 -5.29 6.03 -16.97
N THR B 170 -4.62 6.71 -16.05
CA THR B 170 -5.21 7.84 -15.33
C THR B 170 -4.71 9.15 -15.95
N SER B 171 -5.43 10.22 -15.67
CA SER B 171 -5.08 11.51 -16.21
C SER B 171 -5.39 12.58 -15.19
N GLY B 172 -4.85 13.76 -15.46
CA GLY B 172 -4.77 14.80 -14.48
C GLY B 172 -3.73 14.31 -13.51
N ARG B 173 -4.13 14.23 -12.26
CA ARG B 173 -3.27 13.76 -11.19
C ARG B 173 -4.24 13.06 -10.27
N THR B 174 -4.85 12.01 -10.82
CA THR B 174 -5.79 11.17 -10.12
C THR B 174 -5.19 9.80 -9.79
N MET B 175 -3.94 9.62 -10.18
CA MET B 175 -3.23 8.36 -10.08
C MET B 175 -3.02 7.94 -8.62
N GLU B 176 -2.54 8.86 -7.80
CA GLU B 176 -2.23 8.55 -6.41
C GLU B 176 -3.49 8.17 -5.64
N SER B 177 -4.57 8.93 -5.82
CA SER B 177 -5.81 8.63 -5.10
C SER B 177 -6.43 7.31 -5.60
N THR B 178 -6.28 7.02 -6.90
CA THR B 178 -6.75 5.74 -7.48
C THR B 178 -6.02 4.52 -6.89
N LYS B 179 -4.69 4.62 -6.80
CA LYS B 179 -3.87 3.61 -6.16
C LYS B 179 -4.27 3.42 -4.72
N GLU B 180 -4.51 4.52 -3.99
CA GLU B 180 -4.93 4.39 -2.61
C GLU B 180 -6.28 3.70 -2.45
N PHE B 181 -7.18 4.01 -3.38
CA PHE B 181 -8.51 3.44 -3.38
C PHE B 181 -8.42 1.92 -3.63
N PHE B 182 -7.62 1.52 -4.62
CA PHE B 182 -7.43 0.09 -4.87
C PHE B 182 -6.81 -0.64 -3.70
N THR B 183 -5.77 -0.07 -3.12
CA THR B 183 -5.09 -0.68 -1.97
C THR B 183 -6.07 -0.86 -0.81
N LYS B 184 -6.86 0.19 -0.52
CA LYS B 184 -7.90 0.11 0.53
C LYS B 184 -8.87 -1.04 0.31
N HIS B 185 -9.25 -1.26 -0.94
CA HIS B 185 -10.15 -2.34 -1.29
C HIS B 185 -9.51 -3.70 -1.60
N LYS B 186 -8.23 -3.86 -1.29
CA LYS B 186 -7.45 -5.07 -1.57
C LYS B 186 -7.55 -5.51 -3.00
N TYR B 187 -7.51 -4.51 -3.88
CA TYR B 187 -7.59 -4.70 -5.31
C TYR B 187 -8.83 -5.51 -5.71
N PHE B 188 -9.86 -5.43 -4.88
CA PHE B 188 -11.13 -6.08 -5.11
C PHE B 188 -11.06 -7.59 -5.29
N GLY B 189 -10.01 -8.21 -4.76
CA GLY B 189 -9.74 -9.64 -4.92
C GLY B 189 -8.77 -10.04 -6.04
N LEU B 190 -8.36 -9.07 -6.88
CA LEU B 190 -7.33 -9.29 -7.87
C LEU B 190 -5.99 -9.17 -7.16
N LYS B 191 -4.92 -9.49 -7.88
CA LYS B 191 -3.57 -9.36 -7.32
C LYS B 191 -2.94 -8.04 -7.78
N LYS B 192 -2.31 -7.34 -6.84
CA LYS B 192 -1.61 -6.10 -7.13
C LYS B 192 -0.69 -6.14 -8.36
N GLU B 193 0.07 -7.21 -8.49
CA GLU B 193 0.98 -7.45 -9.63
C GLU B 193 0.31 -7.47 -11.00
N ASN B 194 -1.00 -7.66 -11.02
CA ASN B 194 -1.74 -7.70 -12.31
C ASN B 194 -2.65 -6.50 -12.56
N VAL B 195 -2.46 -5.43 -11.78
CA VAL B 195 -3.10 -4.15 -12.06
C VAL B 195 -1.97 -3.14 -12.23
N ILE B 196 -1.92 -2.54 -13.42
CA ILE B 196 -0.80 -1.72 -13.88
C ILE B 196 -1.33 -0.30 -14.09
N PHE B 197 -1.02 0.58 -13.16
CA PHE B 197 -1.42 1.98 -13.28
C PHE B 197 -0.35 2.73 -14.05
N PHE B 198 -0.79 3.62 -14.93
CA PHE B 198 0.14 4.56 -15.58
C PHE B 198 -0.57 5.87 -15.83
N GLN B 199 0.16 6.99 -15.77
CA GLN B 199 -0.46 8.30 -15.85
C GLN B 199 -0.15 8.92 -17.18
N GLN B 200 -1.20 9.47 -17.78
CA GLN B 200 -1.11 10.17 -19.04
C GLN B 200 -0.33 11.46 -18.90
N GLY B 201 0.46 11.77 -19.91
CA GLY B 201 1.15 13.04 -19.99
C GLY B 201 0.25 14.26 -20.20
N MET B 202 0.84 15.42 -20.01
CA MET B 202 0.11 16.68 -20.17
C MET B 202 0.88 17.50 -21.19
N LEU B 203 0.20 18.38 -21.93
CA LEU B 203 0.88 19.32 -22.81
C LEU B 203 0.55 20.72 -22.36
N PRO B 204 1.46 21.67 -22.58
CA PRO B 204 1.17 23.07 -22.25
C PRO B 204 0.13 23.73 -23.17
N ALA B 205 -0.66 24.64 -22.61
CA ALA B 205 -1.56 25.48 -23.40
C ALA B 205 -0.64 26.45 -24.17
N MET B 206 -1.04 26.74 -25.40
CA MET B 206 -0.28 27.66 -26.25
C MET B 206 -1.16 28.80 -26.73
N SER B 207 -0.53 29.96 -26.88
CA SER B 207 -1.25 31.15 -27.37
C SER B 207 -1.45 30.97 -28.86
N PHE B 208 -2.25 31.85 -29.46
CA PHE B 208 -2.45 31.82 -30.92
C PHE B 208 -1.17 32.15 -31.69
N ASP B 209 -0.16 32.68 -31.00
CA ASP B 209 1.17 32.89 -31.56
C ASP B 209 2.12 31.70 -31.28
N GLY B 210 1.64 30.60 -30.68
CA GLY B 210 2.54 29.49 -30.31
C GLY B 210 3.42 29.68 -29.07
N LYS B 211 3.05 30.61 -28.18
CA LYS B 211 3.80 30.86 -26.94
C LYS B 211 3.11 30.10 -25.81
N ILE B 212 3.93 29.38 -25.05
CA ILE B 212 3.47 28.62 -23.88
C ILE B 212 2.98 29.61 -22.85
N ILE B 213 1.83 29.31 -22.27
CA ILE B 213 1.14 30.23 -21.36
C ILE B 213 1.46 29.87 -19.90
N LEU B 214 1.95 30.86 -19.15
CA LEU B 214 2.04 30.70 -17.70
C LEU B 214 0.66 30.91 -17.05
N GLU B 215 0.21 29.92 -16.30
CA GLU B 215 -1.00 30.00 -15.47
C GLU B 215 -0.79 30.92 -14.29
N GLU B 216 0.36 30.76 -13.65
CA GLU B 216 0.81 31.62 -12.59
C GLU B 216 2.24 32.03 -12.85
N LYS B 217 2.73 32.94 -12.04
CA LYS B 217 4.12 33.36 -12.13
C LYS B 217 5.14 32.19 -12.15
N ASN B 218 4.81 31.10 -11.47
CA ASN B 218 5.68 29.93 -11.29
C ASN B 218 5.13 28.62 -11.87
N LYS B 219 4.08 28.69 -12.69
CA LYS B 219 3.39 27.50 -13.15
C LYS B 219 2.96 27.63 -14.62
N VAL B 220 3.37 26.66 -15.42
CA VAL B 220 2.95 26.58 -16.81
C VAL B 220 1.53 26.05 -16.81
N SER B 221 0.65 26.55 -17.69
CA SER B 221 -0.69 26.02 -17.79
C SER B 221 -0.62 24.72 -18.57
N MET B 222 -1.11 23.62 -18.00
CA MET B 222 -0.93 22.28 -18.55
C MET B 222 -2.26 21.61 -18.61
N ALA B 223 -2.42 20.71 -19.57
CA ALA B 223 -3.67 19.97 -19.68
C ALA B 223 -3.45 18.61 -20.33
N PRO B 224 -4.28 17.62 -19.96
CA PRO B 224 -4.21 16.36 -20.70
C PRO B 224 -4.37 16.56 -22.22
N ASP B 225 -3.73 15.69 -23.00
CA ASP B 225 -3.83 15.79 -24.49
C ASP B 225 -4.90 14.87 -25.12
N GLY B 226 -5.97 14.64 -24.36
CA GLY B 226 -7.06 13.77 -24.80
C GLY B 226 -6.77 12.30 -24.57
N ASN B 227 -7.79 11.48 -24.67
CA ASN B 227 -7.61 10.05 -24.49
C ASN B 227 -6.77 9.39 -25.61
N GLY B 228 -6.61 10.08 -26.73
CA GLY B 228 -5.71 9.68 -27.82
C GLY B 228 -4.25 9.92 -27.47
N GLY B 229 -4.02 10.66 -26.38
CA GLY B 229 -2.73 10.67 -25.71
C GLY B 229 -2.27 9.34 -25.14
N LEU B 230 -3.18 8.38 -25.05
CA LEU B 230 -2.85 7.00 -24.77
C LEU B 230 -1.58 6.49 -25.46
N TYR B 231 -1.49 6.73 -26.75
CA TYR B 231 -0.48 6.10 -27.62
C TYR B 231 0.88 6.67 -27.35
N ARG B 232 0.96 7.99 -27.27
CA ARG B 232 2.20 8.65 -26.89
C ARG B 232 2.64 8.14 -25.53
N THR B 233 1.70 7.98 -24.59
CA THR B 233 1.99 7.52 -23.22
C THR B 233 2.45 6.06 -23.12
N LEU B 234 1.79 5.17 -23.87
CA LEU B 234 2.25 3.78 -23.96
C LEU B 234 3.73 3.69 -24.45
N ALA B 235 4.04 4.45 -25.51
CA ALA B 235 5.41 4.49 -26.09
C ALA B 235 6.42 4.98 -25.09
N ALA B 236 6.19 6.17 -24.55
CA ALA B 236 7.10 6.78 -23.59
C ALA B 236 7.31 5.95 -22.33
N GLN B 237 6.29 5.20 -21.91
CA GLN B 237 6.39 4.34 -20.72
C GLN B 237 6.58 2.83 -20.98
N ASN B 238 6.87 2.43 -22.23
CA ASN B 238 7.15 1.03 -22.59
C ASN B 238 6.03 0.01 -22.16
N ILE B 239 4.78 0.45 -22.23
CA ILE B 239 3.66 -0.39 -21.75
C ILE B 239 3.42 -1.56 -22.71
N VAL B 240 3.61 -1.35 -24.00
CA VAL B 240 3.41 -2.43 -24.97
C VAL B 240 4.43 -3.54 -24.69
N GLU B 241 5.64 -3.15 -24.28
CA GLU B 241 6.69 -4.14 -23.95
C GLU B 241 6.30 -5.04 -22.76
N ASP B 242 5.58 -4.49 -21.77
CA ASP B 242 5.03 -5.28 -20.68
C ASP B 242 3.99 -6.29 -21.17
N MET B 243 3.07 -5.84 -22.03
CA MET B 243 2.11 -6.77 -22.67
C MET B 243 2.83 -7.90 -23.40
N GLU B 244 3.85 -7.54 -24.18
CA GLU B 244 4.64 -8.55 -24.94
C GLU B 244 5.35 -9.53 -24.01
N GLN B 245 5.94 -9.02 -22.93
CA GLN B 245 6.60 -9.89 -21.92
C GLN B 245 5.63 -10.89 -21.30
N ARG B 246 4.40 -10.44 -21.03
CA ARG B 246 3.35 -11.29 -20.50
C ARG B 246 2.83 -12.32 -21.49
N GLY B 247 3.04 -12.07 -22.78
CA GLY B 247 2.52 -12.90 -23.86
C GLY B 247 1.10 -12.58 -24.25
N ILE B 248 0.67 -11.36 -23.98
CA ILE B 248 -0.69 -10.93 -24.34
C ILE B 248 -0.80 -10.78 -25.85
N TRP B 249 -1.92 -11.22 -26.39
CA TRP B 249 -2.27 -11.03 -27.79
C TRP B 249 -3.38 -10.00 -27.99
N SER B 250 -4.44 -10.04 -27.17
CA SER B 250 -5.63 -9.20 -27.39
C SER B 250 -5.72 -8.19 -26.25
N ILE B 251 -6.03 -6.96 -26.62
CA ILE B 251 -6.32 -5.87 -25.68
C ILE B 251 -7.74 -5.39 -25.88
N HIS B 252 -8.51 -5.37 -24.79
CA HIS B 252 -9.85 -4.77 -24.76
C HIS B 252 -9.72 -3.41 -24.10
N VAL B 253 -9.90 -2.36 -24.89
CA VAL B 253 -9.81 -0.97 -24.45
C VAL B 253 -11.23 -0.54 -24.13
N TYR B 254 -11.49 0.05 -22.95
CA TYR B 254 -12.85 0.49 -22.67
C TYR B 254 -12.88 1.71 -21.79
N YCM B 255 -14.01 2.40 -21.82
CA YCM B 255 -14.25 3.61 -21.05
CB YCM B 255 -15.24 4.48 -21.81
SG YCM B 255 -15.68 5.94 -20.90
CD YCM B 255 -14.23 6.91 -21.01
CE YCM B 255 -14.04 7.36 -22.43
OZ1 YCM B 255 -13.32 6.74 -23.19
NZ2 YCM B 255 -14.74 8.42 -22.83
C YCM B 255 -14.81 3.20 -19.75
O YCM B 255 -15.74 2.48 -19.51
N VAL B 256 -14.17 4.04 -18.55
CA VAL B 256 -14.62 3.70 -17.22
C VAL B 256 -16.07 4.02 -16.92
N ASP B 257 -16.73 4.90 -17.68
CA ASP B 257 -17.98 5.49 -17.26
C ASP B 257 -19.23 4.66 -17.46
N ASN B 258 -19.10 3.47 -18.04
CA ASN B 258 -20.24 2.72 -18.48
C ASN B 258 -20.47 1.55 -17.50
N ILE B 259 -21.51 1.66 -16.65
CA ILE B 259 -21.79 0.67 -15.60
C ILE B 259 -22.11 -0.72 -16.15
N LEU B 260 -22.57 -0.80 -17.40
CA LEU B 260 -22.86 -2.09 -18.00
C LEU B 260 -21.70 -2.75 -18.74
N VAL B 261 -20.54 -2.12 -18.76
CA VAL B 261 -19.46 -2.58 -19.65
C VAL B 261 -19.04 -4.03 -19.41
N LYS B 262 -19.07 -4.82 -20.49
CA LYS B 262 -18.64 -6.20 -20.42
C LYS B 262 -17.14 -6.26 -20.53
N VAL B 263 -16.47 -6.11 -19.39
CA VAL B 263 -15.04 -6.04 -19.40
C VAL B 263 -14.51 -7.40 -19.88
N ALA B 264 -13.52 -7.35 -20.78
CA ALA B 264 -12.94 -8.54 -21.42
C ALA B 264 -13.96 -9.47 -22.03
N ASP B 265 -15.06 -8.92 -22.55
CA ASP B 265 -16.14 -9.69 -23.12
C ASP B 265 -15.66 -10.83 -24.01
N PRO B 266 -15.91 -12.08 -23.60
CA PRO B 266 -15.37 -13.17 -24.44
C PRO B 266 -16.02 -13.26 -25.82
N ARG B 267 -17.26 -12.86 -25.95
CA ARG B 267 -17.89 -12.88 -27.30
C ARG B 267 -17.20 -11.91 -28.27
N PHE B 268 -16.93 -10.70 -27.80
CA PHE B 268 -16.26 -9.66 -28.62
C PHE B 268 -14.83 -10.07 -28.98
N ILE B 269 -14.09 -10.58 -27.99
CA ILE B 269 -12.73 -11.05 -28.21
C ILE B 269 -12.77 -12.22 -29.24
N GLY B 270 -13.67 -13.17 -29.05
CA GLY B 270 -13.75 -14.31 -30.00
C GLY B 270 -14.14 -13.92 -31.43
N PHE B 271 -15.08 -13.00 -31.54
CA PHE B 271 -15.47 -12.38 -32.81
C PHE B 271 -14.26 -11.79 -33.50
N CYS B 272 -13.54 -10.94 -32.81
CA CYS B 272 -12.40 -10.30 -33.42
C CYS B 272 -11.27 -11.31 -33.77
N ILE B 273 -11.06 -12.31 -32.93
CA ILE B 273 -10.01 -13.30 -33.18
C ILE B 273 -10.36 -14.10 -34.44
N GLN B 274 -11.61 -14.54 -34.53
CA GLN B 274 -12.03 -15.36 -35.67
C GLN B 274 -12.13 -14.60 -36.98
N LYS B 275 -12.37 -13.29 -36.91
CA LYS B 275 -12.28 -12.44 -38.11
C LYS B 275 -10.86 -12.01 -38.45
N GLY B 276 -9.85 -12.33 -37.62
CA GLY B 276 -8.48 -11.87 -37.84
C GLY B 276 -8.34 -10.36 -37.80
N ALA B 277 -9.12 -9.71 -36.93
CA ALA B 277 -9.09 -8.26 -36.82
C ALA B 277 -7.78 -7.81 -36.19
N ASP B 278 -7.24 -6.69 -36.67
CA ASP B 278 -6.20 -5.99 -35.93
C ASP B 278 -6.84 -4.98 -35.00
N CYS B 279 -8.03 -4.53 -35.34
CA CYS B 279 -8.74 -3.48 -34.61
C CYS B 279 -10.24 -3.73 -34.72
N GLY B 280 -10.98 -3.57 -33.63
CA GLY B 280 -12.42 -3.77 -33.64
C GLY B 280 -13.10 -2.73 -32.77
N ALA B 281 -14.34 -2.40 -33.11
CA ALA B 281 -15.11 -1.45 -32.28
C ALA B 281 -16.50 -1.98 -32.00
N LYS B 282 -16.94 -1.94 -30.74
CA LYS B 282 -18.35 -2.20 -30.42
C LYS B 282 -19.20 -0.99 -30.68
N VAL B 283 -20.40 -1.21 -31.17
CA VAL B 283 -21.34 -0.08 -31.43
C VAL B 283 -22.73 -0.46 -30.91
N VAL B 284 -23.54 0.55 -30.58
CA VAL B 284 -24.95 0.36 -30.33
C VAL B 284 -25.69 1.13 -31.40
N GLU B 285 -26.92 0.70 -31.67
CA GLU B 285 -27.77 1.37 -32.60
C GLU B 285 -28.19 2.74 -32.07
N LYS B 286 -27.75 3.78 -32.76
CA LYS B 286 -28.18 5.16 -32.50
C LYS B 286 -29.56 5.32 -33.14
N THR B 287 -30.53 5.73 -32.34
CA THR B 287 -31.91 5.94 -32.80
C THR B 287 -32.38 7.39 -32.67
N ASN B 288 -31.76 8.16 -31.78
CA ASN B 288 -32.03 9.58 -31.62
C ASN B 288 -30.96 10.36 -32.38
N PRO B 289 -31.33 11.14 -33.40
CA PRO B 289 -30.32 11.90 -34.16
C PRO B 289 -29.33 12.72 -33.33
N THR B 290 -29.78 13.30 -32.23
CA THR B 290 -28.94 14.15 -31.42
C THR B 290 -28.30 13.48 -30.21
N GLU B 291 -28.33 12.14 -30.17
CA GLU B 291 -27.56 11.42 -29.13
C GLU B 291 -26.09 11.75 -29.32
N PRO B 292 -25.40 12.09 -28.22
CA PRO B 292 -23.96 12.43 -28.29
C PRO B 292 -23.03 11.19 -28.25
N VAL B 293 -23.07 10.45 -29.35
CA VAL B 293 -22.13 9.37 -29.64
C VAL B 293 -21.42 9.61 -30.96
N GLY B 294 -20.12 9.34 -31.02
CA GLY B 294 -19.43 9.32 -32.30
C GLY B 294 -20.09 8.27 -33.14
N VAL B 295 -20.05 8.46 -34.46
CA VAL B 295 -20.59 7.46 -35.38
C VAL B 295 -19.43 6.82 -36.14
N VAL B 296 -19.37 5.51 -36.08
CA VAL B 296 -18.46 4.71 -36.89
C VAL B 296 -19.00 4.75 -38.30
N CYS B 297 -18.12 5.13 -39.22
CA CYS B 297 -18.48 5.24 -40.65
C CYS B 297 -17.23 5.13 -41.49
N ARG B 298 -17.39 5.24 -42.80
CA ARG B 298 -16.26 5.31 -43.72
C ARG B 298 -16.15 6.75 -44.23
N VAL B 299 -14.98 7.37 -44.10
CA VAL B 299 -14.75 8.69 -44.70
C VAL B 299 -13.62 8.57 -45.72
N ASP B 300 -13.93 8.93 -46.97
CA ASP B 300 -13.05 8.71 -48.13
C ASP B 300 -12.55 7.27 -48.18
N GLY B 301 -13.49 6.34 -48.06
CA GLY B 301 -13.18 4.92 -48.10
C GLY B 301 -12.73 4.25 -46.79
N VAL B 302 -12.15 5.01 -45.86
CA VAL B 302 -11.48 4.43 -44.66
C VAL B 302 -12.36 4.51 -43.40
N TYR B 303 -12.19 3.54 -42.51
CA TYR B 303 -12.90 3.50 -41.22
C TYR B 303 -12.43 4.56 -40.23
N GLN B 304 -13.38 5.30 -39.66
CA GLN B 304 -13.09 6.21 -38.56
C GLN B 304 -14.34 6.45 -37.74
N VAL B 305 -14.18 7.08 -36.59
CA VAL B 305 -15.29 7.60 -35.83
C VAL B 305 -15.35 9.11 -36.11
N VAL B 306 -16.50 9.59 -36.56
CA VAL B 306 -16.75 11.01 -36.71
C VAL B 306 -17.48 11.42 -35.44
N GLU B 307 -16.87 12.34 -34.70
CA GLU B 307 -17.40 12.71 -33.40
C GLU B 307 -18.76 13.41 -33.53
N TYR B 308 -19.61 13.22 -32.53
CA TYR B 308 -20.97 13.76 -32.57
C TYR B 308 -21.03 15.28 -32.76
N SER B 309 -20.03 15.98 -32.23
CA SER B 309 -19.90 17.44 -32.33
C SER B 309 -19.33 17.90 -33.66
N GLU B 310 -19.04 16.98 -34.58
CA GLU B 310 -18.53 17.30 -35.92
C GLU B 310 -19.58 17.23 -37.02
N ILE B 311 -20.65 16.46 -36.82
CA ILE B 311 -21.66 16.24 -37.86
C ILE B 311 -22.70 17.34 -37.91
N SER B 312 -23.22 17.61 -39.11
CA SER B 312 -24.32 18.55 -39.28
C SER B 312 -25.59 17.87 -38.79
N LEU B 313 -26.60 18.66 -38.45
CA LEU B 313 -27.90 18.10 -38.10
C LEU B 313 -28.49 17.29 -39.26
N ALA B 314 -28.26 17.77 -40.49
CA ALA B 314 -28.75 17.06 -41.67
C ALA B 314 -28.21 15.63 -41.71
N THR B 315 -26.91 15.50 -41.46
CA THR B 315 -26.28 14.16 -41.41
C THR B 315 -26.82 13.37 -40.24
N ALA B 316 -26.96 14.02 -39.08
CA ALA B 316 -27.47 13.34 -37.91
C ALA B 316 -28.87 12.77 -38.12
N GLN B 317 -29.71 13.51 -38.83
CA GLN B 317 -31.10 13.14 -39.03
C GLN B 317 -31.37 12.28 -40.25
N LYS B 318 -30.40 12.12 -41.16
CA LYS B 318 -30.63 11.32 -42.38
C LYS B 318 -31.10 9.92 -42.03
N ARG B 319 -32.18 9.46 -42.67
CA ARG B 319 -32.64 8.10 -42.49
C ARG B 319 -32.47 7.30 -43.77
N SER B 320 -32.19 6.01 -43.59
CA SER B 320 -32.11 5.05 -44.70
C SER B 320 -33.52 4.56 -45.02
N SER B 321 -33.69 3.76 -46.07
CA SER B 321 -35.04 3.39 -46.52
C SER B 321 -35.85 2.53 -45.55
N ASP B 322 -35.17 1.80 -44.66
CA ASP B 322 -35.83 1.06 -43.59
C ASP B 322 -36.37 1.96 -42.46
N GLY B 323 -35.93 3.23 -42.42
CA GLY B 323 -36.40 4.18 -41.42
C GLY B 323 -35.41 4.34 -40.30
N ARG B 324 -34.36 3.54 -40.29
CA ARG B 324 -33.28 3.71 -39.32
C ARG B 324 -32.40 4.86 -39.74
N LEU B 325 -31.69 5.44 -38.79
CA LEU B 325 -30.75 6.48 -39.13
C LEU B 325 -29.66 5.91 -40.03
N LEU B 326 -29.27 6.71 -41.03
CA LEU B 326 -28.21 6.33 -41.96
C LEU B 326 -26.89 6.10 -41.24
N PHE B 327 -26.57 7.00 -40.33
CA PHE B 327 -25.40 6.90 -39.46
C PHE B 327 -25.88 6.46 -38.09
N ASN B 328 -25.98 5.15 -37.93
CA ASN B 328 -26.55 4.56 -36.73
C ASN B 328 -25.60 3.72 -35.92
N ALA B 329 -24.30 3.72 -36.25
CA ALA B 329 -23.34 2.90 -35.50
C ALA B 329 -22.69 3.74 -34.44
N GLY B 330 -23.33 3.83 -33.28
CA GLY B 330 -22.85 4.72 -32.22
C GLY B 330 -21.66 4.12 -31.50
N ASN B 331 -20.58 4.88 -31.44
CA ASN B 331 -19.37 4.50 -30.74
C ASN B 331 -19.60 4.38 -29.22
N ILE B 332 -19.40 3.18 -28.65
CA ILE B 332 -19.53 2.99 -27.19
C ILE B 332 -18.19 2.87 -26.50
N ALA B 333 -17.13 3.33 -27.16
CA ALA B 333 -15.81 3.42 -26.55
C ALA B 333 -15.37 2.08 -25.97
N ASN B 334 -15.52 1.01 -26.78
CA ASN B 334 -15.10 -0.34 -26.41
C ASN B 334 -14.41 -0.88 -27.63
N HIS B 335 -13.08 -1.06 -27.55
CA HIS B 335 -12.29 -1.42 -28.72
C HIS B 335 -11.44 -2.65 -28.48
N PHE B 336 -11.08 -3.30 -29.58
CA PHE B 336 -10.16 -4.45 -29.58
C PHE B 336 -8.94 -4.05 -30.38
N PHE B 337 -7.75 -4.26 -29.82
CA PHE B 337 -6.47 -4.16 -30.55
C PHE B 337 -5.70 -5.46 -30.38
N THR B 338 -5.05 -5.95 -31.42
CA THR B 338 -4.02 -6.94 -31.13
C THR B 338 -2.75 -6.23 -30.61
N VAL B 339 -1.90 -6.96 -29.93
CA VAL B 339 -0.67 -6.35 -29.43
C VAL B 339 0.24 -5.93 -30.60
N PRO B 340 0.40 -6.79 -31.64
CA PRO B 340 1.16 -6.27 -32.80
C PRO B 340 0.64 -4.97 -33.43
N PHE B 341 -0.68 -4.80 -33.49
CA PHE B 341 -1.26 -3.58 -34.04
C PHE B 341 -0.99 -2.38 -33.13
N LEU B 342 -1.14 -2.60 -31.83
CA LEU B 342 -0.91 -1.55 -30.84
C LEU B 342 0.55 -1.11 -30.91
N ARG B 343 1.44 -2.09 -31.03
CA ARG B 343 2.87 -1.80 -31.19
C ARG B 343 3.11 -0.90 -32.39
N ASP B 344 2.51 -1.25 -33.54
CA ASP B 344 2.66 -0.43 -34.73
C ASP B 344 2.05 0.96 -34.53
N VAL B 345 0.89 1.03 -33.87
CA VAL B 345 0.24 2.32 -33.59
C VAL B 345 1.14 3.27 -32.78
N VAL B 346 1.75 2.69 -31.77
CA VAL B 346 2.53 3.38 -30.78
C VAL B 346 3.90 3.78 -31.35
N ASN B 347 4.58 2.83 -32.01
CA ASN B 347 5.93 3.04 -32.59
C ASN B 347 5.94 3.83 -33.91
N VAL B 348 4.97 3.57 -34.78
CA VAL B 348 4.98 4.04 -36.20
C VAL B 348 3.86 5.02 -36.52
N TYR B 349 2.60 4.66 -36.24
CA TYR B 349 1.47 5.34 -36.83
C TYR B 349 1.08 6.65 -36.12
N GLU B 350 0.68 6.56 -34.85
CA GLU B 350 0.17 7.75 -34.13
C GLU B 350 1.08 9.01 -34.26
N PRO B 351 2.43 8.83 -34.22
CA PRO B 351 3.33 9.96 -34.52
C PRO B 351 3.11 10.69 -35.85
N GLN B 352 2.57 9.99 -36.85
CA GLN B 352 2.20 10.62 -38.13
C GLN B 352 0.93 11.46 -38.07
N LEU B 353 0.13 11.31 -37.02
CA LEU B 353 -1.09 12.07 -36.85
C LEU B 353 -0.80 13.40 -36.17
N GLN B 354 -1.42 14.46 -36.69
CA GLN B 354 -1.29 15.78 -36.10
C GLN B 354 -2.37 15.90 -35.04
N HIS B 355 -2.10 16.73 -34.05
CA HIS B 355 -3.05 16.99 -32.99
C HIS B 355 -4.20 17.81 -33.52
N HIS B 356 -5.37 17.62 -32.92
CA HIS B 356 -6.49 18.52 -33.12
C HIS B 356 -6.30 19.77 -32.30
N VAL B 357 -6.76 20.89 -32.84
CA VAL B 357 -6.77 22.18 -32.15
C VAL B 357 -8.12 22.36 -31.48
N ALA B 358 -8.12 22.72 -30.21
CA ALA B 358 -9.35 23.15 -29.56
C ALA B 358 -9.02 24.45 -28.87
N GLN B 359 -9.77 25.50 -29.16
CA GLN B 359 -9.52 26.77 -28.49
C GLN B 359 -10.12 26.73 -27.11
N LYS B 360 -9.43 27.34 -26.15
CA LYS B 360 -9.82 27.26 -24.75
C LYS B 360 -9.62 28.61 -24.08
N LYS B 361 -10.39 28.83 -23.03
CA LYS B 361 -10.18 29.91 -22.10
C LYS B 361 -9.17 29.40 -21.10
N ILE B 362 -7.98 29.96 -21.13
CA ILE B 362 -6.87 29.46 -20.29
C ILE B 362 -6.51 30.56 -19.27
N PRO B 363 -6.82 30.33 -17.98
CA PRO B 363 -6.39 31.28 -16.95
C PRO B 363 -4.89 31.56 -17.01
N TYR B 364 -4.51 32.83 -16.89
CA TYR B 364 -3.12 33.30 -17.11
C TYR B 364 -2.72 34.46 -16.23
N VAL B 365 -1.40 34.68 -16.16
CA VAL B 365 -0.78 35.82 -15.48
C VAL B 365 -0.41 36.93 -16.48
N GLN B 368 1.02 41.42 -17.70
CA GLN B 368 2.32 41.24 -17.10
C GLN B 368 2.32 41.68 -15.63
N GLY B 369 2.21 40.71 -14.73
CA GLY B 369 2.16 40.93 -13.29
C GLY B 369 0.91 40.31 -12.65
N GLN B 370 -0.21 40.39 -13.36
CA GLN B 370 -1.50 40.16 -12.74
C GLN B 370 -2.18 38.91 -13.27
N LEU B 371 -2.93 38.26 -12.37
CA LEU B 371 -3.63 37.02 -12.66
C LEU B 371 -4.99 37.36 -13.29
N ILE B 372 -5.19 36.89 -14.53
CA ILE B 372 -6.37 37.17 -15.32
C ILE B 372 -7.16 35.90 -15.63
N LYS B 373 -8.48 35.99 -15.51
CA LYS B 373 -9.40 34.99 -16.02
C LYS B 373 -10.04 35.56 -17.30
N PRO B 374 -9.77 34.93 -18.47
CA PRO B 374 -10.26 35.44 -19.77
C PRO B 374 -11.73 35.13 -20.05
N ASP B 375 -12.47 36.09 -20.58
CA ASP B 375 -13.90 35.87 -20.91
C ASP B 375 -14.08 35.19 -22.30
N LYS B 376 -13.00 35.09 -23.07
CA LYS B 376 -13.01 34.43 -24.38
C LYS B 376 -11.72 33.62 -24.60
N PRO B 377 -11.72 32.63 -25.52
CA PRO B 377 -10.50 31.82 -25.71
C PRO B 377 -9.27 32.64 -26.05
N ASN B 378 -8.15 32.34 -25.38
CA ASN B 378 -6.87 33.02 -25.58
C ASN B 378 -5.76 32.06 -25.98
N GLY B 379 -6.10 30.79 -26.15
CA GLY B 379 -5.10 29.77 -26.39
C GLY B 379 -5.68 28.50 -26.97
N ILE B 380 -4.80 27.55 -27.18
CA ILE B 380 -5.11 26.32 -27.88
C ILE B 380 -4.66 25.17 -27.00
N LYS B 381 -5.50 24.14 -26.91
CA LYS B 381 -5.16 22.85 -26.33
C LYS B 381 -4.98 21.89 -27.49
N MET B 382 -3.87 21.17 -27.48
CA MET B 382 -3.62 20.14 -28.48
C MET B 382 -4.10 18.81 -27.90
N GLU B 383 -4.77 18.05 -28.75
CA GLU B 383 -5.35 16.77 -28.32
C GLU B 383 -5.51 15.74 -29.44
N LYS B 384 -5.54 14.50 -29.00
CA LYS B 384 -5.86 13.38 -29.86
C LYS B 384 -6.88 12.52 -29.15
N PHE B 385 -7.55 11.69 -29.93
CA PHE B 385 -8.61 10.81 -29.42
C PHE B 385 -8.24 9.38 -29.71
N VAL B 386 -8.70 8.50 -28.84
CA VAL B 386 -8.33 7.09 -28.87
C VAL B 386 -8.70 6.43 -30.21
N PHE B 387 -9.78 6.89 -30.83
CA PHE B 387 -10.24 6.31 -32.08
C PHE B 387 -9.56 6.84 -33.35
N ASP B 388 -8.63 7.79 -33.21
CA ASP B 388 -8.01 8.45 -34.37
C ASP B 388 -7.18 7.48 -35.17
N ILE B 389 -6.72 6.40 -34.54
CA ILE B 389 -5.85 5.42 -35.25
C ILE B 389 -6.57 4.24 -35.92
N PHE B 390 -7.91 4.28 -35.98
CA PHE B 390 -8.64 3.23 -36.69
C PHE B 390 -8.28 3.21 -38.16
N GLN B 391 -8.01 4.40 -38.72
CA GLN B 391 -7.58 4.52 -40.12
C GLN B 391 -6.39 3.62 -40.51
N PHE B 392 -5.51 3.32 -39.56
CA PHE B 392 -4.34 2.45 -39.77
C PHE B 392 -4.57 0.93 -39.72
N ALA B 393 -5.78 0.51 -39.36
CA ALA B 393 -6.11 -0.90 -39.26
C ALA B 393 -6.23 -1.51 -40.65
N LYS B 394 -5.63 -2.67 -40.82
CA LYS B 394 -5.73 -3.40 -42.07
C LYS B 394 -7.00 -4.24 -42.13
N LYS B 395 -7.46 -4.70 -40.97
CA LYS B 395 -8.68 -5.47 -40.87
C LYS B 395 -9.53 -4.97 -39.68
N PHE B 396 -10.33 -3.97 -39.96
CA PHE B 396 -11.23 -3.34 -38.99
C PHE B 396 -12.57 -4.03 -38.99
N VAL B 397 -13.10 -4.30 -37.79
CA VAL B 397 -14.40 -4.94 -37.64
C VAL B 397 -15.28 -4.20 -36.61
N VAL B 398 -16.58 -4.38 -36.74
CA VAL B 398 -17.58 -3.66 -35.97
C VAL B 398 -18.51 -4.70 -35.38
N TYR B 399 -18.76 -4.62 -34.06
CA TYR B 399 -19.59 -5.60 -33.35
C TYR B 399 -20.75 -4.89 -32.70
N GLU B 400 -21.98 -5.10 -33.19
CA GLU B 400 -23.14 -4.42 -32.64
C GLU B 400 -23.60 -5.12 -31.36
N VAL B 401 -23.94 -4.34 -30.34
CA VAL B 401 -24.49 -4.90 -29.11
C VAL B 401 -25.79 -4.20 -28.72
N LEU B 402 -26.49 -4.82 -27.79
CA LEU B 402 -27.76 -4.27 -27.34
C LEU B 402 -27.50 -3.25 -26.24
N ARG B 403 -28.07 -2.07 -26.43
CA ARG B 403 -27.95 -0.95 -25.49
C ARG B 403 -28.30 -1.33 -24.05
N GLU B 404 -29.41 -2.01 -23.87
CA GLU B 404 -29.92 -2.27 -22.52
C GLU B 404 -29.04 -3.26 -21.78
N ASP B 405 -28.19 -3.99 -22.50
CA ASP B 405 -27.35 -4.97 -21.90
C ASP B 405 -25.92 -4.48 -21.74
N GLU B 406 -25.53 -3.46 -22.49
CA GLU B 406 -24.10 -3.12 -22.66
C GLU B 406 -23.70 -1.66 -22.59
N PHE B 407 -24.64 -0.71 -22.61
CA PHE B 407 -24.30 0.72 -22.72
C PHE B 407 -25.24 1.64 -21.94
N SER B 408 -24.78 2.03 -20.77
CA SER B 408 -25.46 3.03 -19.97
C SER B 408 -24.40 3.94 -19.36
N PRO B 409 -23.99 4.99 -20.09
CA PRO B 409 -22.87 5.78 -19.63
C PRO B 409 -23.21 6.79 -18.54
N LEU B 410 -22.22 7.05 -17.67
CA LEU B 410 -22.32 8.07 -16.61
C LEU B 410 -21.57 9.30 -17.10
N LYS B 411 -22.32 10.25 -17.69
CA LYS B 411 -21.74 11.44 -18.34
C LYS B 411 -22.03 12.74 -17.63
N ASN B 412 -23.19 12.77 -16.95
CA ASN B 412 -23.80 14.01 -16.41
C ASN B 412 -24.22 13.87 -14.97
N ALA B 413 -24.24 14.99 -14.24
CA ALA B 413 -24.96 15.04 -12.95
C ALA B 413 -26.46 14.81 -13.12
N ASP B 414 -27.11 14.30 -12.08
CA ASP B 414 -28.59 14.25 -12.08
C ASP B 414 -29.13 15.67 -12.33
N SER B 415 -30.29 15.75 -12.98
CA SER B 415 -30.99 17.03 -13.25
C SER B 415 -30.37 17.98 -14.30
N GLN B 416 -29.16 17.69 -14.77
CA GLN B 416 -28.55 18.44 -15.87
C GLN B 416 -29.37 18.38 -17.18
N ASN B 417 -29.66 17.19 -17.68
CA ASN B 417 -30.53 17.07 -18.85
C ASN B 417 -31.38 15.81 -18.85
N GLY B 418 -31.52 15.14 -17.71
CA GLY B 418 -32.34 13.95 -17.63
C GLY B 418 -31.72 12.69 -18.22
N LYS B 419 -30.50 12.78 -18.77
CA LYS B 419 -29.88 11.61 -19.39
C LYS B 419 -28.50 11.32 -18.85
N ASP B 420 -28.09 10.03 -18.98
CA ASP B 420 -26.71 9.59 -18.74
C ASP B 420 -26.11 10.09 -17.42
N ASN B 421 -26.86 9.84 -16.35
CA ASN B 421 -26.56 10.34 -15.01
C ASN B 421 -26.62 9.19 -13.99
N PRO B 422 -26.33 9.46 -12.70
CA PRO B 422 -26.34 8.34 -11.75
C PRO B 422 -27.66 7.57 -11.67
N THR B 423 -28.79 8.28 -11.75
CA THR B 423 -30.11 7.69 -11.74
C THR B 423 -30.32 6.75 -12.93
N THR B 424 -30.00 7.20 -14.13
CA THR B 424 -30.19 6.34 -15.32
C THR B 424 -29.22 5.16 -15.27
N ALA B 425 -28.01 5.37 -14.78
CA ALA B 425 -27.04 4.28 -14.69
C ALA B 425 -27.47 3.21 -13.69
N ARG B 426 -27.87 3.62 -12.49
CA ARG B 426 -28.28 2.63 -11.51
C ARG B 426 -29.53 1.89 -11.98
N HIS B 427 -30.47 2.59 -12.60
CA HIS B 427 -31.67 1.94 -13.06
C HIS B 427 -31.43 0.98 -14.24
N ALA B 428 -30.47 1.30 -15.10
CA ALA B 428 -30.13 0.40 -16.23
C ALA B 428 -29.55 -0.93 -15.75
N LEU B 429 -28.71 -0.86 -14.75
CA LEU B 429 -28.11 -2.08 -14.19
C LEU B 429 -29.17 -2.90 -13.48
N MET B 430 -30.03 -2.25 -12.69
CA MET B 430 -31.06 -2.99 -11.95
C MET B 430 -32.11 -3.55 -12.88
N SER B 431 -32.43 -2.83 -13.95
CA SER B 431 -33.33 -3.34 -14.96
C SER B 431 -32.73 -4.56 -15.63
N LEU B 432 -31.45 -4.50 -15.97
CA LEU B 432 -30.77 -5.64 -16.56
C LEU B 432 -30.84 -6.89 -15.66
N HIS B 433 -30.53 -6.69 -14.40
CA HIS B 433 -30.46 -7.81 -13.45
C HIS B 433 -31.84 -8.38 -13.17
N HIS B 434 -32.83 -7.51 -13.11
CA HIS B 434 -34.25 -7.93 -13.03
C HIS B 434 -34.60 -8.86 -14.21
N CYS B 435 -34.25 -8.46 -15.43
CA CYS B 435 -34.41 -9.31 -16.62
C CYS B 435 -33.66 -10.63 -16.53
N TRP B 436 -32.44 -10.63 -15.99
CA TRP B 436 -31.72 -11.89 -15.82
C TRP B 436 -32.50 -12.85 -14.93
N VAL B 437 -33.09 -12.32 -13.86
CA VAL B 437 -33.81 -13.15 -12.88
C VAL B 437 -35.01 -13.75 -13.57
N LEU B 438 -35.77 -12.96 -14.31
CA LEU B 438 -36.92 -13.51 -15.06
C LEU B 438 -36.51 -14.56 -16.06
N ASN B 439 -35.45 -14.26 -16.79
CA ASN B 439 -35.00 -15.20 -17.84
C ASN B 439 -34.41 -16.49 -17.26
N ALA B 440 -33.97 -16.46 -16.01
CA ALA B 440 -33.50 -17.65 -15.33
C ALA B 440 -34.61 -18.41 -14.59
N GLY B 441 -35.85 -17.98 -14.77
CA GLY B 441 -37.03 -18.65 -14.23
C GLY B 441 -37.56 -18.17 -12.89
N GLY B 442 -37.04 -17.04 -12.41
CA GLY B 442 -37.51 -16.44 -11.18
C GLY B 442 -38.63 -15.43 -11.37
N HIS B 443 -39.24 -15.02 -10.26
CA HIS B 443 -40.38 -14.13 -10.30
C HIS B 443 -40.27 -13.12 -9.18
N PHE B 444 -40.78 -11.92 -9.43
CA PHE B 444 -40.92 -10.91 -8.37
C PHE B 444 -42.36 -10.81 -7.95
N ILE B 445 -42.59 -10.62 -6.65
CA ILE B 445 -43.95 -10.54 -6.08
C ILE B 445 -44.12 -9.29 -5.24
N ASP B 446 -45.37 -8.84 -5.14
CA ASP B 446 -45.72 -7.80 -4.18
C ASP B 446 -45.91 -8.45 -2.80
N GLU B 447 -46.36 -7.66 -1.82
CA GLU B 447 -46.43 -8.15 -0.44
C GLU B 447 -47.51 -9.23 -0.21
N ASN B 448 -48.46 -9.39 -1.15
CA ASN B 448 -49.47 -10.45 -1.14
C ASN B 448 -49.08 -11.69 -1.95
N GLY B 449 -47.87 -11.75 -2.49
CA GLY B 449 -47.51 -12.83 -3.39
C GLY B 449 -48.14 -12.76 -4.79
N SER B 450 -48.57 -11.57 -5.22
CA SER B 450 -49.02 -11.42 -6.61
C SER B 450 -47.77 -11.22 -7.47
N ARG B 451 -47.61 -12.03 -8.49
CA ARG B 451 -46.45 -11.88 -9.37
C ARG B 451 -46.57 -10.61 -10.21
N LEU B 452 -45.48 -9.86 -10.25
CA LEU B 452 -45.42 -8.60 -10.95
C LEU B 452 -45.13 -8.85 -12.40
N PRO B 453 -45.67 -7.98 -13.29
CA PRO B 453 -45.34 -8.15 -14.70
C PRO B 453 -43.87 -7.92 -14.98
N ALA B 454 -43.44 -8.34 -16.16
CA ALA B 454 -42.10 -8.01 -16.63
C ALA B 454 -41.89 -6.51 -16.74
N ILE B 455 -42.94 -5.79 -17.14
CA ILE B 455 -42.93 -4.34 -17.20
C ILE B 455 -44.03 -3.84 -16.26
N PRO B 456 -43.69 -3.61 -15.00
CA PRO B 456 -44.74 -3.18 -14.05
C PRO B 456 -45.29 -1.78 -14.31
N ARG B 457 -46.53 -1.57 -13.92
CA ARG B 457 -47.17 -0.26 -14.05
C ARG B 457 -46.73 0.52 -12.82
N LEU B 458 -46.09 1.67 -12.99
CA LEU B 458 -45.79 2.58 -11.89
C LEU B 458 -46.89 3.63 -11.94
N LYS B 459 -47.83 3.60 -10.99
CA LYS B 459 -48.96 4.54 -11.01
C LYS B 459 -49.08 5.46 -9.79
N ASP B 460 -48.71 4.99 -8.60
CA ASP B 460 -48.71 5.87 -7.41
C ASP B 460 -47.34 6.49 -7.19
N ALA B 461 -47.31 7.52 -6.36
CA ALA B 461 -46.06 8.16 -5.96
C ALA B 461 -45.14 7.18 -5.23
N ASN B 462 -45.75 6.12 -4.67
CA ASN B 462 -45.08 5.13 -3.83
C ASN B 462 -44.46 3.97 -4.62
N ASP B 463 -44.89 3.78 -5.87
CA ASP B 463 -44.41 2.67 -6.69
C ASP B 463 -42.97 2.99 -7.09
N VAL B 464 -42.12 1.97 -7.09
CA VAL B 464 -40.74 2.12 -7.54
C VAL B 464 -40.41 0.96 -8.45
N PRO B 465 -39.43 1.15 -9.35
CA PRO B 465 -39.06 0.00 -10.17
C PRO B 465 -38.46 -1.10 -9.30
N ILE B 466 -38.46 -2.31 -9.82
CA ILE B 466 -37.91 -3.45 -9.12
C ILE B 466 -36.41 -3.20 -8.93
N GLN B 467 -35.95 -3.18 -7.69
CA GLN B 467 -34.51 -3.07 -7.39
C GLN B 467 -33.92 -4.47 -7.27
N CYS B 468 -33.05 -4.79 -8.20
CA CYS B 468 -32.36 -6.08 -8.24
C CYS B 468 -30.91 -5.83 -8.60
N GLU B 469 -29.99 -6.41 -7.83
CA GLU B 469 -28.57 -6.26 -8.12
C GLU B 469 -27.88 -7.61 -7.93
N ILE B 470 -27.17 -8.08 -8.97
CA ILE B 470 -26.47 -9.34 -8.98
C ILE B 470 -24.98 -9.05 -9.15
N SER B 471 -24.18 -9.57 -8.24
CA SER B 471 -22.74 -9.38 -8.32
C SER B 471 -22.18 -10.08 -9.56
N PRO B 472 -21.20 -9.45 -10.23
CA PRO B 472 -20.52 -10.17 -11.27
C PRO B 472 -19.87 -11.49 -10.84
N LEU B 473 -19.54 -11.61 -9.56
CA LEU B 473 -18.97 -12.86 -9.08
C LEU B 473 -19.96 -14.03 -9.21
N ILE B 474 -21.25 -13.73 -9.19
CA ILE B 474 -22.30 -14.72 -9.38
C ILE B 474 -22.67 -14.92 -10.85
N SER B 475 -22.88 -13.81 -11.56
CA SER B 475 -23.26 -13.83 -12.96
C SER B 475 -22.59 -12.72 -13.75
N TYR B 476 -21.88 -13.11 -14.81
CA TYR B 476 -21.23 -12.13 -15.68
C TYR B 476 -22.25 -11.43 -16.61
N ALA B 477 -23.11 -12.25 -17.24
CA ALA B 477 -24.06 -11.77 -18.25
C ALA B 477 -25.41 -12.47 -18.22
N GLY B 478 -25.80 -12.94 -17.04
CA GLY B 478 -27.11 -13.58 -16.85
C GLY B 478 -27.07 -15.08 -16.73
N GLU B 479 -25.91 -15.68 -16.96
CA GLU B 479 -25.72 -17.12 -16.73
C GLU B 479 -25.57 -17.51 -15.27
N GLY B 480 -25.77 -18.79 -14.99
CA GLY B 480 -25.44 -19.36 -13.69
C GLY B 480 -26.37 -18.99 -12.53
N LEU B 481 -27.58 -18.55 -12.86
CA LEU B 481 -28.53 -18.12 -11.84
C LEU B 481 -29.56 -19.16 -11.43
N GLU B 482 -29.56 -20.33 -12.06
CA GLU B 482 -30.71 -21.24 -11.91
C GLU B 482 -30.89 -21.77 -10.47
N SER B 483 -29.81 -22.14 -9.77
CA SER B 483 -29.93 -22.54 -8.35
C SER B 483 -30.42 -21.40 -7.45
N TYR B 484 -30.09 -20.16 -7.80
CA TYR B 484 -30.44 -19.02 -6.97
C TYR B 484 -31.93 -18.65 -7.07
N VAL B 485 -32.46 -18.65 -8.30
CA VAL B 485 -33.77 -18.02 -8.57
C VAL B 485 -34.82 -18.85 -9.30
N ALA B 486 -34.43 -19.96 -9.96
CA ALA B 486 -35.38 -20.68 -10.81
C ALA B 486 -36.58 -21.17 -9.98
N ASP B 487 -37.79 -20.91 -10.50
CA ASP B 487 -39.04 -21.28 -9.84
C ASP B 487 -39.16 -20.79 -8.37
N LYS B 488 -38.74 -19.55 -8.12
CA LYS B 488 -38.85 -18.93 -6.81
C LYS B 488 -39.49 -17.56 -6.97
N GLU B 489 -40.12 -17.11 -5.89
CA GLU B 489 -40.69 -15.76 -5.81
C GLU B 489 -39.89 -14.90 -4.85
N PHE B 490 -39.60 -13.68 -5.28
CA PHE B 490 -38.86 -12.71 -4.47
C PHE B 490 -39.57 -11.39 -4.32
N HIS B 491 -39.47 -10.81 -3.12
CA HIS B 491 -39.92 -9.45 -2.92
C HIS B 491 -38.70 -8.54 -2.93
N ALA B 492 -38.64 -7.67 -3.94
CA ALA B 492 -37.53 -6.73 -4.10
C ALA B 492 -37.51 -5.72 -2.92
N PRO B 493 -36.37 -5.09 -2.59
CA PRO B 493 -35.10 -5.23 -3.31
C PRO B 493 -34.44 -6.57 -3.15
N LEU B 494 -33.83 -7.05 -4.24
CA LEU B 494 -33.20 -8.37 -4.27
C LEU B 494 -31.72 -8.24 -4.63
N ILE B 495 -30.83 -8.64 -3.73
CA ILE B 495 -29.39 -8.65 -4.00
C ILE B 495 -28.92 -10.11 -4.02
N ILE B 496 -28.14 -10.47 -5.04
CA ILE B 496 -27.56 -11.79 -5.13
C ILE B 496 -26.06 -11.57 -5.20
N ASP B 497 -25.34 -12.20 -4.27
CA ASP B 497 -23.90 -11.99 -4.20
C ASP B 497 -23.22 -13.23 -3.61
N GLU B 498 -21.92 -13.11 -3.35
CA GLU B 498 -21.11 -14.19 -2.81
C GLU B 498 -21.60 -14.72 -1.44
N ASN B 499 -22.40 -13.93 -0.73
CA ASN B 499 -22.98 -14.32 0.56
C ASN B 499 -24.42 -14.85 0.44
N GLY B 500 -24.93 -14.93 -0.79
CA GLY B 500 -26.22 -15.57 -1.07
C GLY B 500 -27.26 -14.61 -1.62
N VAL B 501 -28.52 -14.86 -1.30
CA VAL B 501 -29.67 -14.16 -1.86
C VAL B 501 -30.36 -13.40 -0.74
N HIS B 502 -30.41 -12.07 -0.86
CA HIS B 502 -30.90 -11.19 0.18
C HIS B 502 -32.11 -10.38 -0.29
N GLU B 503 -33.24 -10.50 0.42
CA GLU B 503 -34.42 -9.68 0.22
C GLU B 503 -34.35 -8.63 1.30
N LEU B 504 -34.21 -7.36 0.93
CA LEU B 504 -33.96 -6.32 1.93
C LEU B 504 -35.28 -5.81 2.50
C1' UD1 C . 16.57 -11.74 22.64
C2' UD1 C . 15.74 -12.44 21.68
C3' UD1 C . 16.68 -13.10 20.68
C4' UD1 C . 18.09 -12.83 20.96
C5' UD1 C . 18.39 -11.32 21.49
C6' UD1 C . 19.13 -10.37 20.54
C7' UD1 C . 13.47 -13.00 22.32
C8' UD1 C . 12.46 -13.94 23.01
N2' UD1 C . 14.77 -13.35 22.37
O1' UD1 C . 16.80 -12.32 23.82
O3' UD1 C . 16.46 -14.51 20.40
O4' UD1 C . 18.88 -13.25 19.87
O5' UD1 C . 17.21 -10.66 22.03
O6' UD1 C . 19.71 -9.35 21.39
O7' UD1 C . 13.05 -12.04 21.66
N1 UD1 C . 9.90 -7.67 25.96
C2 UD1 C . 8.58 -7.34 25.93
N3 UD1 C . 7.69 -8.05 26.73
C4 UD1 C . 8.10 -9.10 27.56
C5 UD1 C . 9.46 -9.45 27.59
C6 UD1 C . 10.35 -8.74 26.80
O2 UD1 C . 8.15 -6.44 25.22
O4 UD1 C . 7.27 -9.70 28.23
C1B UD1 C . 10.89 -6.95 25.09
C2B UD1 C . 11.96 -6.27 25.86
O2' UD1 C . 11.48 -4.96 26.29
C3B UD1 C . 13.06 -6.18 24.79
C4B UD1 C . 12.92 -7.51 24.00
O4B UD1 C . 11.56 -7.98 24.32
O3B UD1 C . 12.82 -5.09 23.92
C5B UD1 C . 14.04 -8.49 24.41
O5B UD1 C . 13.54 -9.80 24.62
PA UD1 C . 14.07 -10.72 25.83
O1A UD1 C . 13.12 -11.98 25.70
O2A UD1 C . 13.95 -10.09 27.15
O3A UD1 C . 15.79 -10.68 25.63
PB UD1 C . 16.89 -11.70 25.29
O1B UD1 C . 16.93 -13.02 26.23
O2B UD1 C . 18.30 -11.26 25.59
C1' UD1 D . -17.22 9.78 -25.87
C2' UD1 D . -16.31 9.41 -27.04
C3' UD1 D . -17.21 8.69 -28.09
C4' UD1 D . -18.63 8.61 -27.65
C5' UD1 D . -18.92 8.44 -26.08
C6' UD1 D . -19.55 7.11 -25.59
C7' UD1 D . -14.24 10.58 -26.96
C8' UD1 D . -13.34 11.72 -27.42
N2' UD1 D . -15.44 10.50 -27.52
O1' UD1 D . -17.65 11.08 -25.89
O3' UD1 D . -17.06 9.13 -29.43
O4' UD1 D . -19.48 7.83 -28.46
O5' UD1 D . -17.78 8.74 -25.24
O6' UD1 D . -20.12 7.43 -24.33
O7' UD1 D . -13.83 9.78 -26.14
N1 UD1 D . -13.19 13.66 -18.91
C2 UD1 D . -12.73 13.92 -17.66
N3 UD1 D . -13.63 14.12 -16.63
C4 UD1 D . -15.03 14.03 -16.85
C5 UD1 D . -15.50 13.74 -18.13
C6 UD1 D . -14.57 13.57 -19.14
O2 UD1 D . -11.52 13.98 -17.43
O4 UD1 D . -15.82 14.20 -15.92
C1B UD1 D . -12.20 13.43 -20.02
C2B UD1 D . -11.75 11.94 -19.98
O2' UD1 D . -10.35 11.84 -20.13
C3B UD1 D . -12.44 11.30 -21.15
C4B UD1 D . -12.53 12.58 -22.10
O4B UD1 D . -12.83 13.72 -21.26
O3B UD1 D . -11.67 10.00 -21.56
C5B UD1 D . -13.77 12.75 -23.00
O5B UD1 D . -14.79 12.01 -22.41
PA UD1 D . -16.31 12.45 -22.16
O1A UD1 D . -17.13 11.35 -21.52
O2A UD1 D . -16.87 13.73 -22.30
O3A UD1 D . -16.60 11.87 -23.68
PB UD1 D . -17.85 12.14 -24.65
O1B UD1 D . -17.73 13.50 -25.40
O2B UD1 D . -19.15 12.07 -23.96
#